data_2YND
#
_entry.id   2YND
#
_cell.length_a   57.450
_cell.length_b   119.050
_cell.length_c   176.730
_cell.angle_alpha   90.00
_cell.angle_beta   90.00
_cell.angle_gamma   90.00
#
_symmetry.space_group_name_H-M   'P 21 21 21'
#
loop_
_entity.id
_entity.type
_entity.pdbx_description
1 polymer 'GLYCYLPEPTIDE N-TETRADECANOYLTRANSFERASE'
2 non-polymer 'DIMETHYL SULFOXIDE'
3 non-polymer 2-oxopentadecyl-CoA
4 non-polymer 2,6-dichloro-4-(2-piperazin-1-ylpyridin-4-yl)-N-(1,3,5-trimethyl-1H-pyrazol-4-yl)benzenesulfonamide
5 non-polymer 'SULFATE ION'
6 non-polymer 'MAGNESIUM ION'
7 non-polymer 'CHLORIDE ION'
8 water water
#
_entity_poly.entity_id   1
_entity_poly.type   'polypeptide(L)'
_entity_poly.pdbx_seq_one_letter_code
;IDYKFWYTQPVPKINDEFNESVNEPFISDNKVEDVRKDEYKLPPGYSWYVCDVKDEKDRSEIYTLLTDNYVEDDDNIFRF
NYSAEFLLWALTSPNYLKTWHIGVKYDASNKLIGFISAIPTDICIHKRTIKMAEVNFLCVHKTLRSKRLAPVLIKEITRR
INLENIWQAIYTAGVYLPKPVSDARYYHRSINVKKLIEIGFSSLNSRLTMSRAIKLYRVEDTLNIKNMRLMKKKDVEGVH
KLLGSYLEQFNLYAVFTKEEIAHWFLPIENVIYTYVNEENGKIKDMISFYSLPSQILGNDKYSTLNAAYSFYNVTTTATF
KQLMQDAILLAKRNNFDVFNALEVMQNKSVFEDLKFGEGDGSLKYYLYNWKCASFAPAHVGIVLL
;
_entity_poly.pdbx_strand_id   A,B,C
#
loop_
_chem_comp.id
_chem_comp.type
_chem_comp.name
_chem_comp.formula
646 non-polymer 2,6-dichloro-4-(2-piperazin-1-ylpyridin-4-yl)-N-(1,3,5-trimethyl-1H-pyrazol-4-yl)benzenesulfonamide 'C21 H24 Cl2 N6 O2 S'
CL non-polymer 'CHLORIDE ION' 'Cl -1'
DMS non-polymer 'DIMETHYL SULFOXIDE' 'C2 H6 O S'
MG non-polymer 'MAGNESIUM ION' 'Mg 2'
NHW non-polymer 2-oxopentadecyl-CoA 'C36 H64 N7 O17 P3 S'
SO4 non-polymer 'SULFATE ION' 'O4 S -2'
#
# COMPACT_ATOMS: atom_id res chain seq x y z
N ILE A 1 23.26 -34.00 -6.83
CA ILE A 1 23.33 -33.37 -8.18
C ILE A 1 24.39 -32.21 -8.17
N ASP A 2 25.22 -32.12 -9.21
CA ASP A 2 26.50 -31.38 -9.14
C ASP A 2 26.50 -30.03 -9.82
N TYR A 3 25.54 -29.82 -10.75
CA TYR A 3 25.57 -28.60 -11.61
C TYR A 3 26.96 -28.20 -12.11
N LYS A 4 27.55 -29.09 -12.88
CA LYS A 4 28.81 -28.83 -13.48
C LYS A 4 28.73 -27.75 -14.53
N PHE A 5 27.60 -27.61 -15.21
CA PHE A 5 27.48 -26.42 -16.09
C PHE A 5 27.14 -25.13 -15.26
N TRP A 6 26.03 -25.15 -14.52
CA TRP A 6 25.50 -24.02 -13.81
C TRP A 6 26.56 -23.38 -12.86
N TYR A 7 27.52 -24.16 -12.32
CA TYR A 7 28.48 -23.58 -11.36
C TYR A 7 29.57 -22.82 -12.06
N THR A 8 29.64 -22.90 -13.39
CA THR A 8 30.58 -22.03 -14.15
C THR A 8 29.97 -20.66 -14.45
N GLN A 9 28.68 -20.51 -14.12
CA GLN A 9 27.89 -19.33 -14.51
C GLN A 9 27.75 -18.27 -13.37
N PRO A 10 27.58 -16.99 -13.74
CA PRO A 10 27.33 -15.96 -12.70
C PRO A 10 25.93 -16.13 -12.05
N VAL A 11 25.72 -17.18 -11.22
CA VAL A 11 24.42 -17.41 -10.55
C VAL A 11 24.76 -17.89 -9.15
N PRO A 12 23.80 -17.87 -8.23
CA PRO A 12 24.23 -18.24 -6.84
C PRO A 12 24.57 -19.73 -6.71
N LYS A 13 25.50 -20.10 -5.83
CA LYS A 13 25.64 -21.53 -5.48
C LYS A 13 24.47 -21.96 -4.60
N ILE A 14 24.17 -23.27 -4.61
CA ILE A 14 23.05 -23.86 -3.85
C ILE A 14 22.98 -23.37 -2.41
N ASN A 15 24.11 -23.03 -1.81
CA ASN A 15 24.04 -22.61 -0.42
C ASN A 15 24.22 -21.15 -0.13
N ASP A 16 24.15 -20.32 -1.18
CA ASP A 16 24.40 -18.85 -1.08
C ASP A 16 23.20 -18.16 -0.43
N GLU A 17 23.45 -17.24 0.51
CA GLU A 17 22.35 -16.49 1.20
C GLU A 17 22.64 -15.02 1.21
N PHE A 18 21.89 -14.18 0.50
CA PHE A 18 22.19 -12.71 0.52
C PHE A 18 21.13 -11.88 1.28
N ASN A 19 21.61 -10.90 2.07
N ASN A 19 21.52 -10.93 2.10
CA ASN A 19 20.75 -9.94 2.79
CA ASN A 19 20.49 -10.17 2.79
C ASN A 19 20.01 -9.00 1.85
C ASN A 19 20.01 -9.02 1.89
N GLU A 20 19.03 -8.27 2.38
CA GLU A 20 18.34 -7.29 1.58
C GLU A 20 19.19 -6.09 1.26
N SER A 21 20.28 -5.95 1.98
CA SER A 21 21.25 -4.95 1.64
C SER A 21 22.06 -5.29 0.33
N VAL A 22 21.89 -6.49 -0.27
CA VAL A 22 22.68 -6.86 -1.48
C VAL A 22 21.74 -6.93 -2.67
N ASN A 23 22.02 -6.20 -3.74
CA ASN A 23 21.11 -6.15 -4.84
C ASN A 23 21.94 -5.57 -5.99
N GLU A 24 22.72 -6.46 -6.62
CA GLU A 24 23.66 -6.06 -7.67
C GLU A 24 24.08 -7.26 -8.51
N PRO A 25 24.78 -7.03 -9.63
CA PRO A 25 25.31 -8.16 -10.41
C PRO A 25 26.37 -9.02 -9.69
N PHE A 26 26.55 -10.26 -10.11
CA PHE A 26 27.76 -10.95 -9.70
C PHE A 26 28.92 -10.41 -10.47
N ILE A 27 28.72 -10.11 -11.77
CA ILE A 27 29.84 -9.56 -12.56
C ILE A 27 29.42 -8.22 -13.18
N SER A 28 30.15 -7.16 -12.84
CA SER A 28 29.80 -5.79 -13.25
C SER A 28 30.84 -5.29 -14.24
N ASP A 29 30.69 -4.06 -14.74
CA ASP A 29 31.72 -3.42 -15.59
C ASP A 29 31.97 -4.25 -16.87
N ASN A 30 30.96 -5.00 -17.32
CA ASN A 30 31.02 -5.79 -18.54
C ASN A 30 31.17 -4.93 -19.81
N LYS A 31 31.82 -5.45 -20.84
CA LYS A 31 32.11 -4.62 -22.04
C LYS A 31 31.60 -5.32 -23.26
N VAL A 32 30.73 -4.66 -24.03
CA VAL A 32 30.25 -5.23 -25.29
C VAL A 32 31.44 -5.55 -26.22
N GLU A 33 32.50 -4.75 -26.14
CA GLU A 33 33.71 -4.99 -26.97
C GLU A 33 34.31 -6.37 -26.81
N ASP A 34 34.24 -6.90 -25.59
CA ASP A 34 34.92 -8.14 -25.25
C ASP A 34 34.09 -9.43 -25.52
N VAL A 35 32.79 -9.28 -25.76
CA VAL A 35 31.91 -10.41 -26.07
C VAL A 35 32.44 -11.17 -27.30
N ARG A 36 32.47 -12.49 -27.20
CA ARG A 36 32.94 -13.39 -28.25
C ARG A 36 32.07 -13.08 -29.50
N LYS A 37 32.72 -12.86 -30.63
CA LYS A 37 32.00 -12.70 -31.92
C LYS A 37 31.69 -13.99 -32.72
N ASP A 38 32.24 -15.13 -32.28
CA ASP A 38 32.08 -16.41 -32.95
C ASP A 38 30.91 -17.17 -32.32
N GLU A 39 30.12 -17.82 -33.15
CA GLU A 39 29.09 -18.75 -32.61
C GLU A 39 29.66 -19.91 -31.84
N TYR A 40 28.98 -20.39 -30.80
CA TYR A 40 29.45 -21.52 -30.02
C TYR A 40 29.37 -22.75 -30.92
N LYS A 41 30.28 -23.69 -30.67
CA LYS A 41 30.38 -24.88 -31.49
C LYS A 41 29.32 -25.93 -31.17
N LEU A 42 28.75 -26.52 -32.21
CA LEU A 42 27.71 -27.57 -32.09
C LEU A 42 28.33 -28.89 -32.47
N PRO A 43 27.81 -30.00 -31.97
CA PRO A 43 28.40 -31.26 -32.46
C PRO A 43 28.33 -31.38 -33.98
N PRO A 44 29.24 -32.17 -34.57
CA PRO A 44 29.30 -32.41 -36.02
C PRO A 44 27.93 -32.76 -36.58
N GLY A 45 27.53 -32.19 -37.72
CA GLY A 45 26.23 -32.56 -38.28
C GLY A 45 25.07 -31.68 -37.90
N TYR A 46 25.34 -30.63 -37.11
CA TYR A 46 24.29 -29.70 -36.57
C TYR A 46 24.68 -28.26 -36.80
N SER A 47 23.71 -27.38 -37.02
CA SER A 47 23.97 -25.98 -37.36
C SER A 47 23.03 -25.02 -36.69
N TRP A 48 23.51 -23.82 -36.35
CA TRP A 48 22.59 -22.69 -35.97
C TRP A 48 21.64 -22.31 -37.11
N TYR A 49 20.42 -21.91 -36.76
CA TYR A 49 19.51 -21.51 -37.81
C TYR A 49 18.91 -20.25 -37.23
N VAL A 50 18.84 -19.15 -38.00
CA VAL A 50 18.12 -17.99 -37.46
C VAL A 50 16.62 -18.11 -37.77
N CYS A 51 15.80 -18.20 -36.73
CA CYS A 51 14.36 -18.40 -36.93
C CYS A 51 13.68 -17.06 -37.19
N ASP A 52 13.02 -16.89 -38.33
CA ASP A 52 12.10 -15.72 -38.53
C ASP A 52 10.65 -16.04 -38.08
N VAL A 53 10.35 -15.67 -36.82
CA VAL A 53 9.05 -15.97 -36.23
C VAL A 53 7.87 -15.33 -36.96
N LYS A 54 8.10 -14.28 -37.74
CA LYS A 54 7.04 -13.72 -38.49
C LYS A 54 6.81 -14.44 -39.86
N ASP A 55 7.73 -15.30 -40.21
CA ASP A 55 7.50 -16.20 -41.36
C ASP A 55 6.67 -17.43 -40.93
N GLU A 56 5.51 -17.59 -41.49
CA GLU A 56 4.62 -18.69 -41.07
C GLU A 56 5.29 -20.06 -41.08
N LYS A 57 6.07 -20.36 -42.10
CA LYS A 57 6.84 -21.64 -42.14
C LYS A 57 7.91 -21.86 -41.05
N ASP A 58 8.78 -20.86 -40.80
CA ASP A 58 9.73 -20.93 -39.68
C ASP A 58 8.95 -21.13 -38.39
N ARG A 59 7.92 -20.32 -38.18
CA ARG A 59 7.07 -20.41 -36.97
C ARG A 59 6.46 -21.79 -36.84
N SER A 60 5.98 -22.34 -37.95
CA SER A 60 5.40 -23.67 -37.85
C SER A 60 6.44 -24.73 -37.47
N GLU A 61 7.70 -24.57 -37.86
CA GLU A 61 8.72 -25.52 -37.44
C GLU A 61 9.01 -25.49 -35.95
N ILE A 62 9.06 -24.27 -35.39
CA ILE A 62 9.14 -24.10 -33.92
C ILE A 62 7.90 -24.72 -33.31
N TYR A 63 6.71 -24.31 -33.78
CA TYR A 63 5.46 -24.95 -33.32
C TYR A 63 5.56 -26.52 -33.28
N THR A 64 5.93 -27.14 -34.41
CA THR A 64 6.14 -28.62 -34.37
C THR A 64 7.14 -29.11 -33.35
N LEU A 65 8.35 -28.48 -33.29
CA LEU A 65 9.34 -28.91 -32.31
C LEU A 65 8.73 -28.88 -30.88
N LEU A 66 8.08 -27.78 -30.52
CA LEU A 66 7.55 -27.72 -29.14
C LEU A 66 6.35 -28.69 -28.97
N THR A 67 5.49 -28.75 -29.98
CA THR A 67 4.29 -29.66 -29.90
C THR A 67 4.80 -31.09 -29.58
N ASP A 68 5.89 -31.53 -30.22
CA ASP A 68 6.39 -32.90 -29.96
C ASP A 68 7.38 -33.05 -28.81
N ASN A 69 8.06 -31.98 -28.39
CA ASN A 69 9.13 -32.21 -27.41
C ASN A 69 9.15 -31.27 -26.21
N TYR A 70 8.06 -30.55 -25.89
CA TYR A 70 8.16 -29.60 -24.87
C TYR A 70 7.77 -30.33 -23.57
N VAL A 71 7.53 -29.52 -22.55
CA VAL A 71 7.21 -29.98 -21.15
C VAL A 71 6.06 -31.04 -21.10
N GLU A 72 6.30 -32.13 -20.38
CA GLU A 72 5.32 -33.21 -20.21
C GLU A 72 5.05 -33.30 -18.72
N ASP A 73 3.91 -33.86 -18.34
CA ASP A 73 3.65 -34.07 -16.90
C ASP A 73 4.38 -35.32 -16.41
N ASP A 74 4.37 -35.48 -15.08
CA ASP A 74 5.23 -36.47 -14.43
C ASP A 74 4.87 -37.90 -14.85
N ASP A 75 3.57 -38.12 -15.12
CA ASP A 75 3.06 -39.40 -15.67
C ASP A 75 3.10 -39.49 -17.20
N ASN A 76 3.38 -38.37 -17.89
CA ASN A 76 3.54 -38.39 -19.35
C ASN A 76 2.27 -38.59 -20.20
N ILE A 77 1.16 -38.10 -19.67
CA ILE A 77 -0.12 -38.03 -20.41
C ILE A 77 -0.37 -36.72 -21.21
N PHE A 78 0.21 -35.64 -20.67
CA PHE A 78 -0.05 -34.29 -21.11
C PHE A 78 1.24 -33.70 -21.67
N ARG A 79 1.13 -32.91 -22.72
CA ARG A 79 2.31 -32.16 -23.14
C ARG A 79 1.87 -30.76 -23.59
N PHE A 80 2.62 -29.73 -23.21
CA PHE A 80 2.14 -28.41 -23.46
C PHE A 80 2.14 -28.27 -24.95
N ASN A 81 1.16 -27.53 -25.46
CA ASN A 81 0.92 -27.34 -26.89
C ASN A 81 0.64 -25.82 -27.21
N TYR A 82 1.67 -24.98 -26.98
CA TYR A 82 1.52 -23.58 -27.31
C TYR A 82 1.14 -23.46 -28.81
N SER A 83 0.14 -22.63 -29.13
CA SER A 83 -0.22 -22.42 -30.54
C SER A 83 0.76 -21.62 -31.35
N ALA A 84 0.72 -21.78 -32.69
CA ALA A 84 1.58 -20.99 -33.50
C ALA A 84 1.29 -19.50 -33.28
N GLU A 85 0.01 -19.14 -33.20
N GLU A 85 0.02 -19.13 -33.21
CA GLU A 85 -0.34 -17.72 -33.00
CA GLU A 85 -0.32 -17.72 -33.02
C GLU A 85 0.15 -17.29 -31.63
C GLU A 85 0.15 -17.29 -31.63
N PHE A 86 0.09 -18.19 -30.65
CA PHE A 86 0.60 -17.86 -29.34
C PHE A 86 2.07 -17.50 -29.45
N LEU A 87 2.84 -18.38 -30.08
CA LEU A 87 4.32 -18.15 -30.20
C LEU A 87 4.63 -16.83 -30.89
N LEU A 88 3.86 -16.48 -31.95
CA LEU A 88 4.01 -15.18 -32.59
C LEU A 88 3.88 -14.02 -31.58
N TRP A 89 2.83 -14.08 -30.77
CA TRP A 89 2.56 -13.10 -29.75
C TRP A 89 3.70 -13.11 -28.73
N ALA A 90 4.11 -14.29 -28.26
CA ALA A 90 5.04 -14.33 -27.14
C ALA A 90 6.41 -13.79 -27.49
N LEU A 91 6.75 -13.77 -28.78
CA LEU A 91 8.18 -13.57 -29.19
C LEU A 91 8.38 -12.36 -30.06
N THR A 92 7.29 -11.63 -30.35
CA THR A 92 7.42 -10.42 -31.17
C THR A 92 6.92 -9.19 -30.41
N SER A 93 7.14 -9.17 -29.08
CA SER A 93 6.84 -8.00 -28.28
C SER A 93 7.73 -6.80 -28.67
N PRO A 94 7.43 -5.59 -28.14
CA PRO A 94 8.20 -4.39 -28.43
C PRO A 94 9.74 -4.50 -28.38
N ASN A 95 10.34 -4.14 -29.50
CA ASN A 95 11.77 -4.12 -29.59
C ASN A 95 12.44 -5.48 -29.58
N TYR A 96 11.67 -6.53 -29.91
CA TYR A 96 12.29 -7.85 -29.89
C TYR A 96 13.36 -7.94 -30.98
N LEU A 97 14.36 -8.79 -30.74
CA LEU A 97 15.40 -9.13 -31.75
C LEU A 97 15.19 -10.55 -32.33
N LYS A 98 15.09 -10.60 -33.64
CA LYS A 98 15.09 -11.86 -34.39
C LYS A 98 16.29 -12.73 -34.00
N THR A 99 17.39 -12.07 -33.74
CA THR A 99 18.64 -12.78 -33.52
C THR A 99 18.63 -13.43 -32.11
N TRP A 100 17.58 -13.26 -31.31
CA TRP A 100 17.48 -13.98 -30.00
C TRP A 100 16.41 -15.13 -30.16
N HIS A 101 15.98 -15.39 -31.39
CA HIS A 101 15.14 -16.58 -31.64
C HIS A 101 16.01 -17.63 -32.39
N ILE A 102 16.61 -18.52 -31.60
CA ILE A 102 17.72 -19.37 -32.06
C ILE A 102 17.33 -20.83 -32.14
N GLY A 103 17.43 -21.41 -33.34
CA GLY A 103 17.20 -22.80 -33.48
C GLY A 103 18.48 -23.53 -33.80
N VAL A 104 18.36 -24.87 -33.86
CA VAL A 104 19.45 -25.78 -34.23
C VAL A 104 18.82 -26.83 -35.14
N LYS A 105 19.42 -27.07 -36.31
CA LYS A 105 18.91 -28.00 -37.27
C LYS A 105 19.87 -29.09 -37.31
N TYR A 106 19.33 -30.28 -37.55
CA TYR A 106 20.18 -31.45 -37.88
C TYR A 106 20.44 -31.40 -39.38
N ASP A 107 21.68 -31.34 -39.81
CA ASP A 107 21.93 -30.97 -41.24
C ASP A 107 21.33 -31.96 -42.26
N ALA A 108 21.48 -33.23 -41.94
CA ALA A 108 21.18 -34.32 -42.85
C ALA A 108 19.72 -34.32 -43.21
N SER A 109 18.83 -34.01 -42.27
CA SER A 109 17.38 -33.99 -42.60
C SER A 109 16.82 -32.56 -42.67
N ASN A 110 17.65 -31.57 -42.41
CA ASN A 110 17.25 -30.16 -42.39
C ASN A 110 16.14 -29.91 -41.41
N LYS A 111 16.04 -30.72 -40.37
CA LYS A 111 14.92 -30.54 -39.44
C LYS A 111 15.36 -29.80 -38.18
N LEU A 112 14.47 -29.00 -37.63
CA LEU A 112 14.82 -28.27 -36.45
C LEU A 112 14.79 -29.24 -35.28
N ILE A 113 15.81 -29.23 -34.43
CA ILE A 113 15.89 -30.20 -33.31
C ILE A 113 16.11 -29.53 -31.98
N GLY A 114 16.31 -28.21 -32.02
CA GLY A 114 16.62 -27.43 -30.83
C GLY A 114 16.18 -26.01 -31.03
N PHE A 115 15.84 -25.39 -29.90
CA PHE A 115 15.34 -24.00 -29.86
C PHE A 115 15.59 -23.36 -28.50
N ILE A 116 15.89 -22.06 -28.53
CA ILE A 116 15.82 -21.23 -27.30
C ILE A 116 15.46 -19.83 -27.76
N SER A 117 14.90 -19.00 -26.89
CA SER A 117 14.50 -17.65 -27.32
C SER A 117 14.61 -16.72 -26.15
N ALA A 118 14.72 -15.45 -26.44
CA ALA A 118 14.60 -14.39 -25.39
C ALA A 118 13.93 -13.16 -25.99
N ILE A 119 13.31 -12.36 -25.11
CA ILE A 119 12.80 -11.03 -25.41
C ILE A 119 13.26 -9.98 -24.37
N PRO A 120 13.45 -8.73 -24.81
CA PRO A 120 13.92 -7.73 -23.88
C PRO A 120 12.78 -7.09 -23.08
N THR A 121 13.02 -6.90 -21.79
CA THR A 121 12.10 -6.13 -20.95
C THR A 121 12.82 -5.51 -19.76
N ASP A 122 12.22 -4.47 -19.22
CA ASP A 122 12.74 -3.82 -18.05
C ASP A 122 12.23 -4.56 -16.86
N ILE A 123 13.15 -4.96 -16.00
CA ILE A 123 12.77 -5.77 -14.84
C ILE A 123 13.14 -5.02 -13.54
N CYS A 124 12.15 -4.80 -12.65
CA CYS A 124 12.43 -4.15 -11.39
C CYS A 124 12.57 -5.24 -10.32
N ILE A 125 13.79 -5.34 -9.77
CA ILE A 125 14.15 -6.33 -8.73
C ILE A 125 14.55 -5.57 -7.48
N HIS A 126 13.81 -5.83 -6.38
CA HIS A 126 14.00 -5.03 -5.14
C HIS A 126 14.21 -3.54 -5.48
N LYS A 127 13.29 -2.99 -6.25
CA LYS A 127 13.29 -1.56 -6.52
C LYS A 127 14.39 -1.08 -7.44
N ARG A 128 15.31 -1.93 -7.89
CA ARG A 128 16.18 -1.54 -9.00
C ARG A 128 15.68 -1.94 -10.38
N THR A 129 15.67 -1.03 -11.39
CA THR A 129 15.16 -1.40 -12.74
C THR A 129 16.30 -1.71 -13.67
N ILE A 130 16.30 -2.92 -14.21
CA ILE A 130 17.41 -3.40 -14.99
C ILE A 130 16.87 -3.87 -16.33
N LYS A 131 17.56 -3.49 -17.43
CA LYS A 131 17.17 -4.00 -18.76
C LYS A 131 17.61 -5.48 -18.76
N MET A 132 16.68 -6.40 -19.00
CA MET A 132 17.01 -7.83 -18.96
C MET A 132 16.50 -8.53 -20.16
N ALA A 133 16.99 -9.77 -20.31
CA ALA A 133 16.41 -10.71 -21.25
C ALA A 133 15.47 -11.67 -20.54
N GLU A 134 14.28 -11.82 -21.11
CA GLU A 134 13.34 -12.82 -20.69
C GLU A 134 13.38 -14.07 -21.59
N VAL A 135 13.92 -15.15 -21.01
CA VAL A 135 14.34 -16.39 -21.72
C VAL A 135 13.19 -17.37 -21.59
N ASN A 136 12.83 -17.99 -22.72
CA ASN A 136 11.76 -18.96 -22.76
C ASN A 136 11.87 -19.98 -23.89
N PHE A 137 11.07 -21.08 -23.77
CA PHE A 137 10.96 -22.11 -24.77
C PHE A 137 12.24 -22.82 -25.18
N LEU A 138 13.19 -22.94 -24.26
CA LEU A 138 14.30 -23.91 -24.36
C LEU A 138 13.78 -25.35 -24.61
N CYS A 139 14.18 -25.96 -25.73
CA CYS A 139 13.61 -27.26 -26.06
C CYS A 139 14.61 -28.05 -26.88
N VAL A 140 15.01 -29.20 -26.35
CA VAL A 140 15.83 -30.14 -27.21
C VAL A 140 14.99 -31.37 -27.59
N HIS A 141 15.01 -31.71 -28.83
CA HIS A 141 14.27 -32.94 -29.29
C HIS A 141 14.42 -34.19 -28.37
N LYS A 142 13.37 -34.98 -28.20
CA LYS A 142 13.37 -36.01 -27.13
C LYS A 142 14.42 -37.04 -27.51
N THR A 143 14.87 -37.08 -28.76
CA THR A 143 15.79 -38.13 -29.20
C THR A 143 17.21 -37.82 -28.90
N LEU A 144 17.45 -36.56 -28.51
CA LEU A 144 18.76 -35.97 -28.35
C LEU A 144 19.03 -35.42 -26.96
N ARG A 145 18.33 -35.98 -25.97
CA ARG A 145 18.42 -35.58 -24.57
C ARG A 145 19.70 -36.09 -23.88
N SER A 146 20.15 -35.33 -22.85
CA SER A 146 21.35 -35.63 -21.98
C SER A 146 22.60 -35.74 -22.76
N LYS A 147 22.69 -34.95 -23.85
CA LYS A 147 23.87 -34.92 -24.64
C LYS A 147 24.58 -33.55 -24.45
N ARG A 148 24.18 -32.78 -23.43
CA ARG A 148 24.70 -31.46 -23.14
C ARG A 148 24.44 -30.45 -24.29
N LEU A 149 23.34 -30.55 -25.02
CA LEU A 149 23.09 -29.50 -26.04
C LEU A 149 22.51 -28.26 -25.37
N ALA A 150 21.77 -28.43 -24.29
CA ALA A 150 21.17 -27.27 -23.56
C ALA A 150 22.21 -26.24 -23.16
N PRO A 151 23.36 -26.68 -22.61
CA PRO A 151 24.32 -25.65 -22.25
C PRO A 151 24.86 -24.90 -23.46
N VAL A 152 24.92 -25.55 -24.60
CA VAL A 152 25.30 -24.83 -25.87
C VAL A 152 24.29 -23.73 -26.24
N LEU A 153 23.02 -24.11 -26.26
CA LEU A 153 21.97 -23.15 -26.53
C LEU A 153 22.01 -21.98 -25.53
N ILE A 154 22.24 -22.28 -24.25
CA ILE A 154 22.21 -21.24 -23.26
C ILE A 154 23.41 -20.30 -23.41
N LYS A 155 24.62 -20.85 -23.68
CA LYS A 155 25.79 -20.02 -23.78
C LYS A 155 25.65 -19.19 -25.07
N GLU A 156 25.03 -19.75 -26.07
CA GLU A 156 24.89 -19.00 -27.35
C GLU A 156 23.89 -17.85 -27.21
N ILE A 157 22.78 -18.10 -26.53
CA ILE A 157 21.83 -16.97 -26.35
C ILE A 157 22.47 -15.95 -25.41
N THR A 158 23.12 -16.40 -24.35
CA THR A 158 23.83 -15.45 -23.48
C THR A 158 24.73 -14.51 -24.35
N ARG A 159 25.53 -15.07 -25.27
CA ARG A 159 26.44 -14.33 -26.08
C ARG A 159 25.69 -13.27 -26.89
N ARG A 160 24.56 -13.67 -27.47
CA ARG A 160 23.86 -12.77 -28.35
C ARG A 160 23.13 -11.66 -27.55
N ILE A 161 22.76 -11.94 -26.31
CA ILE A 161 22.13 -10.95 -25.46
C ILE A 161 23.20 -9.94 -25.00
N ASN A 162 24.36 -10.45 -24.58
CA ASN A 162 25.51 -9.60 -24.22
C ASN A 162 25.87 -8.64 -25.35
N LEU A 163 25.80 -9.10 -26.58
CA LEU A 163 26.09 -8.20 -27.74
C LEU A 163 25.19 -7.00 -27.77
N GLU A 164 24.03 -7.08 -27.14
CA GLU A 164 23.19 -5.90 -27.00
C GLU A 164 23.42 -5.08 -25.75
N ASN A 165 24.58 -5.27 -25.11
CA ASN A 165 24.89 -4.59 -23.84
C ASN A 165 23.87 -4.93 -22.71
N ILE A 166 23.33 -6.14 -22.73
CA ILE A 166 22.44 -6.60 -21.65
C ILE A 166 23.06 -7.80 -20.93
N TRP A 167 22.99 -7.82 -19.59
CA TRP A 167 23.92 -8.63 -18.78
C TRP A 167 23.17 -9.41 -17.70
N GLN A 168 21.86 -9.20 -17.66
CA GLN A 168 20.94 -9.89 -16.75
C GLN A 168 19.81 -10.59 -17.49
N ALA A 169 19.35 -11.72 -16.95
CA ALA A 169 18.13 -12.36 -17.54
C ALA A 169 17.24 -12.83 -16.42
N ILE A 170 15.98 -13.01 -16.78
CA ILE A 170 14.99 -13.66 -15.94
C ILE A 170 14.47 -14.91 -16.69
N TYR A 171 14.22 -15.96 -15.92
CA TYR A 171 13.71 -17.20 -16.54
C TYR A 171 12.96 -18.03 -15.45
N THR A 172 12.01 -18.93 -15.83
CA THR A 172 11.38 -19.78 -14.80
C THR A 172 11.53 -21.24 -15.23
N ALA A 173 11.56 -22.16 -14.26
CA ALA A 173 11.54 -23.55 -14.66
C ALA A 173 10.90 -24.34 -13.50
N GLY A 174 10.37 -25.53 -13.80
CA GLY A 174 9.96 -26.51 -12.78
C GLY A 174 11.13 -27.18 -12.09
N VAL A 175 12.24 -27.39 -12.82
CA VAL A 175 13.46 -27.96 -12.19
C VAL A 175 14.17 -27.01 -11.23
N TYR A 176 14.77 -27.59 -10.20
CA TYR A 176 15.56 -26.85 -9.25
C TYR A 176 16.97 -26.66 -9.82
N LEU A 177 17.42 -25.42 -9.95
CA LEU A 177 18.72 -25.07 -10.43
C LEU A 177 19.23 -24.03 -9.46
N PRO A 178 20.52 -23.72 -9.52
CA PRO A 178 21.09 -22.63 -8.65
C PRO A 178 20.71 -21.27 -9.25
N LYS A 179 20.04 -20.36 -8.52
CA LYS A 179 19.24 -20.70 -7.32
C LYS A 179 17.99 -19.81 -7.31
N PRO A 180 16.79 -20.37 -7.04
CA PRO A 180 15.58 -19.60 -7.17
C PRO A 180 15.60 -18.32 -6.32
N VAL A 181 15.17 -17.19 -6.88
CA VAL A 181 14.88 -16.01 -6.02
C VAL A 181 13.51 -16.11 -5.38
N SER A 182 12.65 -16.95 -5.94
CA SER A 182 11.33 -17.23 -5.36
C SER A 182 10.80 -18.53 -5.96
N ASP A 183 9.76 -19.10 -5.37
CA ASP A 183 9.31 -20.44 -5.75
C ASP A 183 7.80 -20.40 -5.54
N ALA A 184 7.03 -20.58 -6.61
CA ALA A 184 5.55 -20.53 -6.50
C ALA A 184 4.89 -21.84 -7.04
N ARG A 185 4.13 -22.53 -6.22
CA ARG A 185 3.20 -23.58 -6.72
C ARG A 185 2.09 -23.06 -7.69
N TYR A 186 1.73 -23.93 -8.64
CA TYR A 186 0.41 -23.88 -9.30
C TYR A 186 -0.75 -24.43 -8.47
N TYR A 187 -1.89 -23.72 -8.51
CA TYR A 187 -3.22 -24.17 -8.07
C TYR A 187 -4.19 -24.21 -9.25
N HIS A 188 -5.16 -25.11 -9.22
CA HIS A 188 -6.00 -25.38 -10.38
C HIS A 188 -7.46 -25.27 -9.91
N ARG A 189 -8.22 -24.56 -10.73
CA ARG A 189 -9.64 -24.43 -10.48
C ARG A 189 -10.44 -25.18 -11.57
N SER A 190 -11.08 -26.27 -11.17
CA SER A 190 -11.81 -27.10 -12.18
C SER A 190 -12.96 -26.34 -12.72
N ILE A 191 -13.10 -26.28 -14.04
CA ILE A 191 -14.29 -25.78 -14.70
C ILE A 191 -15.16 -26.93 -15.34
N ASN A 192 -14.61 -27.79 -16.20
CA ASN A 192 -15.32 -28.91 -16.79
CA ASN A 192 -15.38 -28.97 -16.77
C ASN A 192 -14.90 -30.17 -16.01
N VAL A 193 -15.53 -30.36 -14.84
CA VAL A 193 -14.96 -31.34 -13.93
C VAL A 193 -15.05 -32.76 -14.45
N LYS A 194 -16.11 -33.09 -15.17
CA LYS A 194 -16.19 -34.46 -15.63
C LYS A 194 -15.04 -34.74 -16.62
N LYS A 195 -14.76 -33.82 -17.56
CA LYS A 195 -13.64 -34.07 -18.44
C LYS A 195 -12.30 -34.17 -17.70
N LEU A 196 -12.08 -33.29 -16.71
CA LEU A 196 -10.84 -33.38 -15.93
C LEU A 196 -10.65 -34.75 -15.24
N ILE A 197 -11.72 -35.31 -14.71
CA ILE A 197 -11.67 -36.68 -14.12
C ILE A 197 -11.40 -37.77 -15.20
N GLU A 198 -12.23 -37.80 -16.24
CA GLU A 198 -12.05 -38.71 -17.37
C GLU A 198 -10.61 -38.71 -17.97
N ILE A 199 -9.96 -37.55 -18.09
CA ILE A 199 -8.58 -37.52 -18.63
C ILE A 199 -7.52 -37.75 -17.60
N GLY A 200 -7.91 -37.95 -16.35
CA GLY A 200 -6.95 -38.23 -15.32
C GLY A 200 -6.26 -36.97 -14.78
N PHE A 201 -6.84 -35.76 -14.96
CA PHE A 201 -6.24 -34.54 -14.40
C PHE A 201 -6.63 -34.36 -12.94
N SER A 202 -7.89 -34.67 -12.62
CA SER A 202 -8.43 -34.68 -11.24
C SER A 202 -8.97 -36.05 -10.93
N SER A 203 -9.39 -36.23 -9.66
CA SER A 203 -10.13 -37.42 -9.23
C SER A 203 -11.33 -37.14 -8.30
N LEU A 204 -12.11 -38.18 -8.03
CA LEU A 204 -13.26 -38.24 -7.10
C LEU A 204 -12.85 -39.12 -5.89
N ASN A 205 -13.81 -39.51 -5.05
CA ASN A 205 -13.56 -40.39 -3.88
C ASN A 205 -14.90 -40.68 -3.23
N SER A 206 -15.01 -41.75 -2.44
CA SER A 206 -16.35 -42.20 -2.01
C SER A 206 -17.10 -41.06 -1.32
N ARG A 207 -16.34 -40.23 -0.62
CA ARG A 207 -16.89 -38.97 -0.10
C ARG A 207 -17.52 -38.11 -1.19
N LEU A 208 -16.86 -38.03 -2.35
CA LEU A 208 -17.25 -37.10 -3.46
C LEU A 208 -17.58 -37.83 -4.79
N THR A 209 -18.89 -37.98 -5.06
CA THR A 209 -19.43 -38.58 -6.25
C THR A 209 -19.30 -37.63 -7.45
N MET A 210 -19.43 -38.19 -8.65
CA MET A 210 -19.40 -37.39 -9.86
C MET A 210 -20.38 -36.23 -9.72
N SER A 211 -21.66 -36.50 -9.42
CA SER A 211 -22.68 -35.42 -9.31
C SER A 211 -22.30 -34.33 -8.30
N ARG A 212 -21.87 -34.74 -7.11
CA ARG A 212 -21.44 -33.84 -6.09
C ARG A 212 -20.20 -33.03 -6.50
N ALA A 213 -19.29 -33.59 -7.28
CA ALA A 213 -18.12 -32.83 -7.75
C ALA A 213 -18.61 -31.78 -8.77
N ILE A 214 -19.57 -32.19 -9.56
CA ILE A 214 -20.08 -31.27 -10.57
C ILE A 214 -20.76 -30.09 -9.85
N LYS A 215 -21.54 -30.40 -8.81
CA LYS A 215 -22.19 -29.35 -7.99
C LYS A 215 -21.15 -28.45 -7.29
N LEU A 216 -20.06 -29.05 -6.82
CA LEU A 216 -19.07 -28.31 -6.14
C LEU A 216 -18.47 -27.23 -7.05
N TYR A 217 -18.33 -27.54 -8.33
CA TYR A 217 -17.63 -26.63 -9.20
C TYR A 217 -18.54 -25.82 -10.09
N ARG A 218 -19.83 -25.94 -9.87
CA ARG A 218 -20.81 -25.22 -10.63
C ARG A 218 -20.66 -23.74 -10.39
N VAL A 219 -20.71 -22.93 -11.44
CA VAL A 219 -20.69 -21.47 -11.25
C VAL A 219 -21.93 -20.67 -11.76
N GLU A 220 -22.29 -19.57 -11.06
CA GLU A 220 -23.35 -18.69 -11.52
C GLU A 220 -22.86 -17.91 -12.78
N ASP A 221 -23.61 -18.01 -13.87
CA ASP A 221 -23.28 -17.21 -15.07
C ASP A 221 -23.60 -15.68 -15.00
N THR A 222 -23.17 -15.03 -13.91
CA THR A 222 -23.39 -13.58 -13.71
C THR A 222 -22.15 -12.99 -13.05
N LEU A 223 -21.61 -11.96 -13.67
CA LEU A 223 -20.42 -11.26 -13.15
C LEU A 223 -20.69 -10.43 -11.86
N ASN A 224 -19.76 -10.47 -10.91
CA ASN A 224 -19.78 -9.54 -9.80
C ASN A 224 -19.59 -8.16 -10.28
N ILE A 225 -18.79 -7.97 -11.32
CA ILE A 225 -18.52 -6.63 -11.82
C ILE A 225 -19.20 -6.58 -13.18
N LYS A 226 -20.38 -5.94 -13.25
CA LYS A 226 -21.32 -6.24 -14.31
C LYS A 226 -20.80 -5.70 -15.69
N ASN A 227 -20.00 -4.62 -15.67
CA ASN A 227 -19.46 -4.04 -16.93
C ASN A 227 -18.06 -4.55 -17.44
N MET A 228 -17.48 -5.50 -16.75
CA MET A 228 -16.29 -6.23 -17.24
CA MET A 228 -16.30 -6.26 -17.28
C MET A 228 -16.47 -6.61 -18.73
N ARG A 229 -15.62 -6.03 -19.61
CA ARG A 229 -15.75 -6.21 -21.08
C ARG A 229 -14.42 -6.38 -21.74
N LEU A 230 -14.36 -6.95 -22.95
CA LEU A 230 -13.05 -7.13 -23.57
C LEU A 230 -12.31 -5.76 -23.66
N MET A 231 -10.99 -5.78 -23.40
CA MET A 231 -10.16 -4.61 -23.54
C MET A 231 -10.11 -4.22 -25.01
N LYS A 232 -9.97 -2.91 -25.23
CA LYS A 232 -9.84 -2.33 -26.60
C LYS A 232 -8.69 -1.32 -26.60
N LYS A 233 -8.23 -0.90 -27.78
CA LYS A 233 -7.11 0.02 -27.84
C LYS A 233 -7.28 1.32 -26.98
N LYS A 234 -8.52 1.82 -26.82
CA LYS A 234 -8.79 3.02 -26.05
C LYS A 234 -8.44 2.84 -24.57
N ASP A 235 -8.36 1.59 -24.13
CA ASP A 235 -8.12 1.28 -22.65
C ASP A 235 -6.63 1.14 -22.28
N VAL A 236 -5.74 1.29 -23.30
CA VAL A 236 -4.26 1.09 -23.10
C VAL A 236 -3.70 2.05 -21.99
N GLU A 237 -4.04 3.33 -22.09
CA GLU A 237 -3.54 4.35 -21.08
C GLU A 237 -4.07 3.92 -19.70
N GLY A 238 -5.35 3.56 -19.65
CA GLY A 238 -5.98 3.30 -18.40
C GLY A 238 -5.40 2.10 -17.71
N VAL A 239 -5.19 1.01 -18.47
CA VAL A 239 -4.60 -0.23 -17.99
C VAL A 239 -3.14 0.03 -17.63
N HIS A 240 -2.43 0.74 -18.48
CA HIS A 240 -1.04 1.14 -18.15
C HIS A 240 -0.98 1.81 -16.74
N LYS A 241 -1.95 2.69 -16.39
CA LYS A 241 -1.88 3.32 -15.06
C LYS A 241 -2.32 2.32 -13.97
N LEU A 242 -3.44 1.60 -14.18
CA LEU A 242 -3.94 0.66 -13.12
C LEU A 242 -2.93 -0.45 -12.78
N LEU A 243 -2.47 -1.13 -13.84
CA LEU A 243 -1.50 -2.23 -13.65
C LEU A 243 -0.16 -1.70 -13.17
N GLY A 244 0.34 -0.67 -13.82
CA GLY A 244 1.67 -0.08 -13.40
C GLY A 244 1.66 0.32 -11.93
N SER A 245 0.56 0.91 -11.48
CA SER A 245 0.56 1.45 -10.13
C SER A 245 0.47 0.27 -9.13
N TYR A 246 -0.32 -0.72 -9.51
CA TYR A 246 -0.41 -1.96 -8.70
C TYR A 246 0.92 -2.69 -8.54
N LEU A 247 1.70 -2.76 -9.59
CA LEU A 247 2.84 -3.66 -9.58
C LEU A 247 3.97 -3.10 -8.74
N GLU A 248 3.96 -1.79 -8.51
CA GLU A 248 5.11 -1.17 -7.87
C GLU A 248 5.30 -1.74 -6.44
N GLN A 249 4.28 -2.33 -5.86
CA GLN A 249 4.52 -2.89 -4.50
C GLN A 249 5.38 -4.14 -4.50
N PHE A 250 5.58 -4.80 -5.65
CA PHE A 250 6.21 -6.14 -5.62
C PHE A 250 7.78 -6.02 -5.64
N ASN A 251 8.44 -7.06 -5.18
CA ASN A 251 9.91 -7.30 -5.19
C ASN A 251 10.41 -7.63 -6.57
N LEU A 252 9.52 -8.09 -7.44
CA LEU A 252 10.00 -8.41 -8.77
C LEU A 252 8.91 -8.15 -9.75
N TYR A 253 9.10 -7.29 -10.79
CA TYR A 253 8.00 -7.12 -11.70
C TYR A 253 8.50 -6.44 -12.99
N ALA A 254 7.78 -6.63 -14.11
CA ALA A 254 8.12 -5.97 -15.34
C ALA A 254 7.64 -4.54 -15.30
N VAL A 255 8.45 -3.59 -15.75
CA VAL A 255 8.07 -2.22 -15.81
C VAL A 255 7.57 -1.97 -17.26
N PHE A 256 6.25 -2.04 -17.49
CA PHE A 256 5.69 -2.04 -18.83
C PHE A 256 5.57 -0.61 -19.38
N THR A 257 6.02 -0.38 -20.63
CA THR A 257 5.66 0.89 -21.32
C THR A 257 4.23 0.80 -21.88
N LYS A 258 3.72 1.90 -22.44
CA LYS A 258 2.42 1.95 -23.14
CA LYS A 258 2.39 1.85 -23.05
C LYS A 258 2.38 0.94 -24.27
N GLU A 259 3.45 0.92 -25.06
CA GLU A 259 3.51 -0.01 -26.22
C GLU A 259 3.46 -1.48 -25.78
N GLU A 260 4.12 -1.70 -24.65
CA GLU A 260 4.11 -3.05 -24.05
C GLU A 260 2.73 -3.42 -23.52
N ILE A 261 2.06 -2.47 -22.86
CA ILE A 261 0.71 -2.76 -22.44
C ILE A 261 -0.12 -3.13 -23.64
N ALA A 262 -0.04 -2.36 -24.77
CA ALA A 262 -0.88 -2.75 -25.96
C ALA A 262 -0.58 -4.19 -26.45
N HIS A 263 0.71 -4.48 -26.52
CA HIS A 263 1.12 -5.77 -27.02
C HIS A 263 0.69 -6.92 -26.12
N TRP A 264 1.04 -6.79 -24.85
CA TRP A 264 0.76 -7.87 -23.88
C TRP A 264 -0.73 -8.11 -23.49
N PHE A 265 -1.57 -7.11 -23.68
CA PHE A 265 -2.95 -7.16 -23.18
C PHE A 265 -4.03 -7.09 -24.20
N LEU A 266 -3.81 -6.41 -25.33
CA LEU A 266 -4.90 -6.37 -26.31
C LEU A 266 -5.33 -7.78 -26.74
N PRO A 267 -6.64 -8.08 -26.72
CA PRO A 267 -6.96 -9.50 -26.80
C PRO A 267 -6.75 -10.14 -28.11
N ILE A 268 -6.33 -11.41 -28.09
CA ILE A 268 -6.13 -12.22 -29.34
C ILE A 268 -6.85 -13.52 -29.06
N GLU A 269 -7.76 -13.92 -29.95
N GLU A 269 -7.83 -13.88 -29.90
CA GLU A 269 -8.59 -15.11 -29.70
CA GLU A 269 -8.67 -15.06 -29.60
C GLU A 269 -7.71 -16.32 -29.54
C GLU A 269 -7.79 -16.31 -29.55
N ASN A 270 -7.97 -17.13 -28.52
CA ASN A 270 -7.12 -18.30 -28.28
C ASN A 270 -5.67 -18.07 -27.93
N VAL A 271 -5.40 -16.86 -27.51
CA VAL A 271 -4.04 -16.46 -27.03
C VAL A 271 -4.13 -15.76 -25.70
N ILE A 272 -4.66 -14.55 -25.68
CA ILE A 272 -4.66 -13.65 -24.56
C ILE A 272 -6.05 -13.00 -24.47
N TYR A 273 -6.59 -13.07 -23.25
CA TYR A 273 -7.89 -12.47 -22.86
C TYR A 273 -7.70 -11.46 -21.74
N THR A 274 -8.10 -10.20 -22.00
CA THR A 274 -8.08 -9.10 -21.03
C THR A 274 -9.45 -8.42 -21.02
N TYR A 275 -10.02 -8.32 -19.82
CA TYR A 275 -11.28 -7.63 -19.64
C TYR A 275 -11.04 -6.47 -18.68
N VAL A 276 -11.81 -5.40 -18.85
CA VAL A 276 -11.70 -4.20 -18.04
C VAL A 276 -13.08 -3.67 -17.59
N ASN A 277 -13.05 -2.97 -16.48
CA ASN A 277 -14.18 -2.27 -15.96
C ASN A 277 -13.89 -0.80 -15.95
N GLU A 278 -14.62 -0.09 -16.82
CA GLU A 278 -14.40 1.29 -17.06
C GLU A 278 -15.51 2.09 -16.35
N GLU A 279 -15.11 3.11 -15.56
CA GLU A 279 -16.06 3.88 -14.75
C GLU A 279 -15.59 5.31 -14.76
N ASN A 280 -16.38 6.21 -15.35
CA ASN A 280 -15.92 7.59 -15.63
C ASN A 280 -14.67 7.76 -16.46
N GLY A 281 -14.55 7.11 -17.60
CA GLY A 281 -13.32 7.21 -18.34
C GLY A 281 -12.09 6.70 -17.63
N LYS A 282 -12.18 6.20 -16.38
CA LYS A 282 -11.08 5.44 -15.74
C LYS A 282 -11.24 3.89 -15.76
N ILE A 283 -10.13 3.19 -16.00
CA ILE A 283 -10.12 1.73 -15.92
C ILE A 283 -9.87 1.37 -14.41
N LYS A 284 -10.84 0.70 -13.81
CA LYS A 284 -10.74 0.56 -12.36
C LYS A 284 -10.49 -0.83 -11.90
N ASP A 285 -10.71 -1.79 -12.81
CA ASP A 285 -10.52 -3.26 -12.51
C ASP A 285 -10.11 -3.90 -13.84
N MET A 286 -9.28 -4.92 -13.78
CA MET A 286 -8.88 -5.66 -15.01
C MET A 286 -8.67 -7.14 -14.66
N ILE A 287 -8.91 -8.04 -15.63
CA ILE A 287 -8.73 -9.46 -15.45
C ILE A 287 -7.97 -9.85 -16.71
N SER A 288 -6.95 -10.68 -16.63
CA SER A 288 -6.33 -11.17 -17.85
C SER A 288 -5.86 -12.61 -17.68
N PHE A 289 -5.99 -13.38 -18.74
CA PHE A 289 -5.51 -14.78 -18.72
C PHE A 289 -5.18 -15.17 -20.12
N TYR A 290 -4.20 -16.11 -20.23
CA TYR A 290 -3.70 -16.58 -21.50
C TYR A 290 -4.06 -18.06 -21.72
N SER A 291 -4.10 -18.42 -22.99
CA SER A 291 -4.51 -19.75 -23.37
C SER A 291 -3.28 -20.64 -23.50
N LEU A 292 -3.15 -21.70 -22.68
CA LEU A 292 -2.10 -22.70 -22.98
C LEU A 292 -2.65 -24.11 -22.83
N PRO A 293 -2.98 -24.71 -23.97
CA PRO A 293 -3.60 -26.03 -24.00
C PRO A 293 -2.56 -27.02 -23.73
N SER A 294 -2.97 -28.14 -23.16
CA SER A 294 -2.13 -29.36 -23.16
C SER A 294 -2.67 -30.39 -24.13
N GLN A 295 -1.81 -30.90 -24.99
CA GLN A 295 -2.15 -32.08 -25.74
C GLN A 295 -2.31 -33.28 -24.79
N ILE A 296 -3.36 -34.08 -25.03
CA ILE A 296 -3.69 -35.22 -24.22
C ILE A 296 -3.30 -36.42 -25.11
N LEU A 297 -2.42 -37.25 -24.57
CA LEU A 297 -1.82 -38.29 -25.42
C LEU A 297 -2.50 -39.63 -25.16
N GLY A 298 -2.89 -40.29 -26.24
CA GLY A 298 -3.54 -41.59 -26.19
C GLY A 298 -4.87 -41.66 -25.45
N ASN A 299 -5.72 -40.64 -25.58
CA ASN A 299 -7.11 -40.71 -25.10
C ASN A 299 -8.10 -40.85 -26.26
N ASP A 300 -9.02 -41.79 -26.19
CA ASP A 300 -9.95 -41.99 -27.34
C ASP A 300 -10.99 -40.87 -27.50
N LYS A 301 -11.16 -40.01 -26.49
CA LYS A 301 -12.30 -39.11 -26.47
C LYS A 301 -11.77 -37.71 -26.68
N TYR A 302 -10.60 -37.42 -26.09
CA TYR A 302 -10.09 -36.04 -26.04
C TYR A 302 -8.68 -35.92 -26.58
N SER A 303 -8.40 -34.91 -27.38
CA SER A 303 -7.02 -34.69 -27.72
C SER A 303 -6.46 -33.48 -27.06
N THR A 304 -7.29 -32.65 -26.40
CA THR A 304 -6.83 -31.30 -25.96
C THR A 304 -7.44 -30.92 -24.64
N LEU A 305 -6.60 -30.53 -23.68
CA LEU A 305 -7.10 -29.89 -22.49
C LEU A 305 -7.01 -28.37 -22.69
N ASN A 306 -8.13 -27.67 -22.58
CA ASN A 306 -8.12 -26.23 -22.72
C ASN A 306 -7.95 -25.57 -21.39
N ALA A 307 -6.82 -24.94 -21.21
CA ALA A 307 -6.51 -24.31 -19.95
C ALA A 307 -6.25 -22.84 -20.04
N ALA A 308 -6.88 -22.09 -19.14
CA ALA A 308 -6.63 -20.67 -18.96
C ALA A 308 -5.65 -20.41 -17.81
N TYR A 309 -4.63 -19.65 -18.09
CA TYR A 309 -3.64 -19.34 -17.04
C TYR A 309 -3.75 -17.89 -16.61
N SER A 310 -3.95 -17.70 -15.33
CA SER A 310 -4.11 -16.33 -14.75
C SER A 310 -2.87 -15.54 -15.07
N PHE A 311 -3.07 -14.31 -15.50
CA PHE A 311 -1.96 -13.51 -16.00
C PHE A 311 -1.81 -12.33 -15.07
N TYR A 312 -2.51 -11.23 -15.33
CA TYR A 312 -2.56 -10.09 -14.35
C TYR A 312 -4.00 -9.66 -14.03
N ASN A 313 -4.29 -9.52 -12.73
CA ASN A 313 -5.63 -9.18 -12.27
C ASN A 313 -5.53 -8.07 -11.20
N VAL A 314 -6.28 -6.97 -11.39
CA VAL A 314 -6.26 -5.90 -10.45
C VAL A 314 -7.72 -5.43 -10.16
N THR A 315 -8.08 -5.31 -8.87
CA THR A 315 -9.39 -4.68 -8.51
C THR A 315 -9.32 -3.43 -7.59
N THR A 316 -10.09 -2.38 -7.91
CA THR A 316 -10.28 -1.29 -6.94
C THR A 316 -11.72 -1.11 -6.58
N THR A 317 -12.65 -1.72 -7.31
CA THR A 317 -14.08 -1.55 -6.92
C THR A 317 -14.72 -2.81 -6.38
N ALA A 318 -13.98 -3.91 -6.29
CA ALA A 318 -14.55 -5.15 -5.67
C ALA A 318 -13.53 -5.84 -4.76
N THR A 319 -13.87 -6.97 -4.13
CA THR A 319 -12.80 -7.70 -3.40
C THR A 319 -11.96 -8.53 -4.42
N PHE A 320 -10.71 -8.87 -4.06
CA PHE A 320 -9.89 -9.68 -4.94
C PHE A 320 -10.61 -11.04 -5.22
N LYS A 321 -11.22 -11.63 -4.17
CA LYS A 321 -12.01 -12.81 -4.32
C LYS A 321 -13.11 -12.65 -5.38
N GLN A 322 -13.89 -11.60 -5.31
CA GLN A 322 -14.94 -11.38 -6.31
C GLN A 322 -14.36 -11.20 -7.73
N LEU A 323 -13.18 -10.57 -7.80
CA LEU A 323 -12.56 -10.26 -9.14
C LEU A 323 -12.12 -11.62 -9.79
N MET A 324 -11.57 -12.52 -8.96
CA MET A 324 -11.02 -13.81 -9.43
C MET A 324 -12.20 -14.76 -9.67
N GLN A 325 -13.30 -14.58 -8.94
CA GLN A 325 -14.48 -15.38 -9.22
C GLN A 325 -14.99 -14.99 -10.64
N ASP A 326 -15.07 -13.71 -10.91
CA ASP A 326 -15.30 -13.25 -12.30
C ASP A 326 -14.29 -13.77 -13.37
N ALA A 327 -12.99 -13.81 -13.02
CA ALA A 327 -11.95 -14.38 -13.96
C ALA A 327 -12.29 -15.86 -14.33
N ILE A 328 -12.59 -16.68 -13.31
CA ILE A 328 -13.05 -18.01 -13.54
C ILE A 328 -14.26 -18.05 -14.42
N LEU A 329 -15.20 -17.10 -14.22
CA LEU A 329 -16.44 -17.11 -15.02
C LEU A 329 -16.12 -16.82 -16.50
N LEU A 330 -15.23 -15.87 -16.66
CA LEU A 330 -14.87 -15.40 -18.00
C LEU A 330 -14.11 -16.55 -18.69
N ALA A 331 -13.24 -17.25 -17.97
CA ALA A 331 -12.57 -18.40 -18.62
C ALA A 331 -13.63 -19.47 -19.01
N LYS A 332 -14.59 -19.74 -18.11
CA LYS A 332 -15.69 -20.72 -18.43
C LYS A 332 -16.48 -20.30 -19.73
N ARG A 333 -16.78 -19.03 -19.84
CA ARG A 333 -17.55 -18.53 -20.99
C ARG A 333 -16.77 -18.71 -22.27
N ASN A 334 -15.42 -18.78 -22.17
CA ASN A 334 -14.58 -18.95 -23.33
C ASN A 334 -14.15 -20.37 -23.58
N ASN A 335 -14.86 -21.26 -22.89
N ASN A 335 -14.85 -21.35 -23.01
CA ASN A 335 -14.92 -22.71 -23.04
CA ASN A 335 -14.66 -22.75 -23.33
C ASN A 335 -13.61 -23.42 -22.59
C ASN A 335 -13.44 -23.41 -22.67
N PHE A 336 -12.95 -22.83 -21.58
CA PHE A 336 -11.77 -23.36 -20.92
C PHE A 336 -12.20 -24.42 -19.91
N ASP A 337 -11.37 -25.47 -19.77
CA ASP A 337 -11.71 -26.62 -18.93
C ASP A 337 -11.25 -26.42 -17.53
N VAL A 338 -10.21 -25.61 -17.34
CA VAL A 338 -9.55 -25.42 -16.02
C VAL A 338 -8.93 -23.98 -16.06
N PHE A 339 -8.86 -23.37 -14.88
CA PHE A 339 -8.23 -22.07 -14.73
C PHE A 339 -7.06 -22.29 -13.80
N ASN A 340 -5.85 -21.99 -14.28
CA ASN A 340 -4.61 -22.20 -13.49
C ASN A 340 -4.06 -20.87 -12.96
N ALA A 341 -3.54 -20.85 -11.73
CA ALA A 341 -2.86 -19.64 -11.25
C ALA A 341 -1.71 -20.01 -10.34
N LEU A 342 -0.72 -19.15 -10.27
CA LEU A 342 0.34 -19.32 -9.32
C LEU A 342 0.12 -18.59 -7.98
N GLU A 343 0.70 -19.09 -6.87
CA GLU A 343 0.60 -18.41 -5.63
C GLU A 343 1.44 -17.09 -5.58
N VAL A 344 1.38 -16.23 -6.63
CA VAL A 344 2.08 -15.00 -6.66
C VAL A 344 1.04 -13.87 -6.51
N MET A 345 1.52 -12.65 -6.31
CA MET A 345 0.66 -11.46 -6.05
C MET A 345 -0.33 -11.78 -4.96
N GLN A 346 -1.62 -11.46 -5.15
CA GLN A 346 -2.65 -11.77 -4.11
C GLN A 346 -3.38 -13.09 -4.40
N ASN A 347 -2.86 -13.92 -5.31
CA ASN A 347 -3.60 -15.12 -5.71
C ASN A 347 -3.81 -16.12 -4.61
N LYS A 348 -2.81 -16.35 -3.75
CA LYS A 348 -3.05 -17.38 -2.75
C LYS A 348 -4.28 -17.12 -1.85
N SER A 349 -4.50 -15.85 -1.44
CA SER A 349 -5.59 -15.50 -0.57
C SER A 349 -6.97 -15.96 -1.10
N VAL A 350 -7.16 -16.25 -2.40
CA VAL A 350 -8.50 -16.62 -2.90
C VAL A 350 -8.65 -18.17 -3.17
N PHE A 351 -7.55 -18.92 -3.09
CA PHE A 351 -7.54 -20.30 -3.58
C PHE A 351 -8.51 -21.21 -2.79
N GLU A 352 -8.50 -21.08 -1.45
CA GLU A 352 -9.42 -21.97 -0.65
C GLU A 352 -10.88 -21.64 -0.90
N ASP A 353 -11.24 -20.36 -0.86
CA ASP A 353 -12.66 -20.01 -0.98
C ASP A 353 -13.18 -20.26 -2.40
N LEU A 354 -12.29 -20.11 -3.38
CA LEU A 354 -12.68 -20.32 -4.82
C LEU A 354 -12.49 -21.75 -5.30
N LYS A 355 -12.25 -22.59 -4.33
CA LYS A 355 -12.19 -24.11 -4.71
CA LYS A 355 -12.18 -23.95 -4.73
C LYS A 355 -11.03 -24.56 -5.74
N PHE A 356 -9.94 -23.81 -5.57
CA PHE A 356 -8.75 -24.26 -6.29
C PHE A 356 -8.15 -25.49 -5.60
N GLY A 357 -7.57 -26.40 -6.34
CA GLY A 357 -6.77 -27.44 -5.72
C GLY A 357 -5.28 -27.26 -5.87
N GLU A 358 -4.51 -27.66 -4.87
CA GLU A 358 -3.04 -27.53 -4.95
C GLU A 358 -2.47 -28.42 -6.04
N GLY A 359 -1.51 -27.91 -6.85
CA GLY A 359 -0.93 -28.73 -7.96
C GLY A 359 0.30 -29.52 -7.46
N ASP A 360 1.00 -30.22 -8.37
CA ASP A 360 2.22 -30.99 -8.05
C ASP A 360 3.50 -30.18 -8.26
N GLY A 361 4.52 -30.32 -7.41
CA GLY A 361 5.66 -29.37 -7.48
C GLY A 361 5.36 -27.84 -7.59
N SER A 362 6.31 -27.12 -8.17
CA SER A 362 6.21 -25.66 -8.23
C SER A 362 7.06 -25.04 -9.36
N LEU A 363 6.84 -23.73 -9.58
CA LEU A 363 7.56 -23.02 -10.63
C LEU A 363 8.59 -22.15 -9.92
N LYS A 364 9.87 -22.29 -10.28
CA LYS A 364 10.96 -21.51 -9.73
C LYS A 364 11.28 -20.27 -10.63
N TYR A 365 11.42 -19.14 -9.99
CA TYR A 365 11.89 -17.91 -10.64
C TYR A 365 13.41 -17.73 -10.41
N TYR A 366 14.11 -17.37 -11.49
CA TYR A 366 15.57 -17.24 -11.49
C TYR A 366 16.02 -15.96 -12.08
N LEU A 367 17.15 -15.47 -11.62
CA LEU A 367 17.79 -14.40 -12.34
C LEU A 367 19.20 -14.86 -12.69
N TYR A 368 19.71 -14.37 -13.81
CA TYR A 368 21.12 -14.63 -14.25
C TYR A 368 21.94 -13.36 -14.01
N ASN A 369 23.09 -13.56 -13.39
CA ASN A 369 24.03 -12.50 -13.03
C ASN A 369 23.41 -11.44 -12.11
N TRP A 370 22.75 -11.83 -11.00
CA TRP A 370 22.15 -10.92 -10.08
C TRP A 370 22.14 -11.59 -8.70
N LYS A 371 22.69 -10.88 -7.74
CA LYS A 371 22.79 -11.32 -6.35
C LYS A 371 21.78 -10.46 -5.56
N CYS A 372 20.84 -11.12 -4.86
CA CYS A 372 19.87 -10.43 -4.02
C CYS A 372 19.22 -11.42 -3.04
N ALA A 373 18.45 -10.88 -2.12
CA ALA A 373 17.66 -11.67 -1.18
C ALA A 373 16.55 -12.44 -1.93
N SER A 374 16.32 -13.69 -1.53
CA SER A 374 15.14 -14.42 -2.03
C SER A 374 13.90 -14.00 -1.23
N PHE A 375 12.71 -14.32 -1.72
CA PHE A 375 11.49 -13.85 -1.01
C PHE A 375 10.29 -14.81 -1.27
N ALA A 376 9.24 -14.71 -0.43
CA ALA A 376 8.00 -15.51 -0.58
C ALA A 376 7.34 -15.16 -1.84
N PRO A 377 6.59 -16.13 -2.48
CA PRO A 377 5.99 -15.84 -3.82
C PRO A 377 4.85 -14.77 -3.87
N ALA A 378 4.19 -14.53 -2.73
CA ALA A 378 3.30 -13.35 -2.67
C ALA A 378 4.02 -12.05 -3.08
N HIS A 379 5.36 -11.93 -2.95
CA HIS A 379 6.07 -10.73 -3.30
C HIS A 379 6.43 -10.67 -4.78
N VAL A 380 6.16 -11.77 -5.48
CA VAL A 380 6.43 -11.83 -6.92
C VAL A 380 5.32 -11.16 -7.61
N GLY A 381 5.67 -10.33 -8.59
CA GLY A 381 4.65 -9.53 -9.33
C GLY A 381 4.83 -9.69 -10.83
N ILE A 382 5.30 -10.87 -11.25
CA ILE A 382 5.51 -11.16 -12.70
C ILE A 382 5.18 -12.62 -13.03
N VAL A 383 4.52 -12.82 -14.16
CA VAL A 383 4.05 -14.12 -14.67
C VAL A 383 4.65 -14.27 -16.03
N LEU A 384 5.59 -15.22 -16.20
CA LEU A 384 6.18 -15.50 -17.55
C LEU A 384 5.36 -16.56 -18.29
N LEU A 385 5.43 -16.60 -19.62
CA LEU A 385 4.50 -17.45 -20.35
C LEU A 385 4.85 -18.95 -20.38
N ILE B 1 -23.20 -21.55 11.73
CA ILE B 1 -24.23 -21.69 12.82
C ILE B 1 -24.97 -20.35 13.11
N ASP B 2 -25.63 -20.23 14.26
CA ASP B 2 -26.66 -19.19 14.49
C ASP B 2 -26.18 -17.77 14.92
N TYR B 3 -25.18 -17.66 15.77
CA TYR B 3 -24.72 -16.34 16.25
C TYR B 3 -25.79 -15.38 16.81
N LYS B 4 -26.59 -15.90 17.76
CA LYS B 4 -27.73 -15.18 18.35
C LYS B 4 -27.22 -13.98 19.12
N PHE B 5 -25.99 -14.07 19.62
CA PHE B 5 -25.45 -12.90 20.31
C PHE B 5 -24.74 -12.01 19.28
N TRP B 6 -23.76 -12.61 18.58
CA TRP B 6 -22.87 -11.85 17.70
C TRP B 6 -23.67 -11.08 16.73
N TYR B 7 -24.80 -11.65 16.26
CA TYR B 7 -25.57 -10.89 15.22
C TYR B 7 -26.25 -9.64 15.75
N THR B 8 -26.32 -9.48 17.10
CA THR B 8 -26.84 -8.23 17.70
C THR B 8 -25.71 -7.19 17.76
N GLN B 9 -24.48 -7.58 17.39
CA GLN B 9 -23.29 -6.73 17.63
C GLN B 9 -22.87 -6.01 16.31
N PRO B 10 -22.14 -4.87 16.41
CA PRO B 10 -21.62 -4.24 15.18
C PRO B 10 -20.37 -4.96 14.66
N VAL B 11 -20.54 -6.13 14.08
CA VAL B 11 -19.47 -6.88 13.45
C VAL B 11 -20.04 -7.31 12.11
N PRO B 12 -19.19 -7.85 11.20
CA PRO B 12 -19.74 -8.24 9.91
C PRO B 12 -20.62 -9.49 10.02
N LYS B 13 -21.61 -9.60 9.15
CA LYS B 13 -22.27 -10.89 8.99
C LYS B 13 -21.29 -11.81 8.26
N ILE B 14 -21.44 -13.11 8.53
CA ILE B 14 -20.67 -14.24 7.95
C ILE B 14 -20.43 -14.03 6.44
N ASN B 15 -21.45 -13.50 5.79
CA ASN B 15 -21.42 -13.21 4.37
C ASN B 15 -21.00 -11.85 3.88
N ASP B 16 -20.87 -10.86 4.79
CA ASP B 16 -20.47 -9.47 4.40
C ASP B 16 -19.08 -9.57 3.79
N GLU B 17 -18.89 -8.98 2.62
N GLU B 17 -18.85 -8.93 2.63
CA GLU B 17 -17.60 -8.86 1.99
CA GLU B 17 -17.55 -8.88 1.96
C GLU B 17 -17.46 -7.36 1.68
C GLU B 17 -17.19 -7.49 1.43
N PHE B 18 -16.40 -6.73 2.19
CA PHE B 18 -16.06 -5.31 1.84
C PHE B 18 -14.80 -5.12 1.00
N ASN B 19 -14.82 -4.23 0.01
CA ASN B 19 -13.56 -3.95 -0.68
C ASN B 19 -12.65 -2.94 0.07
N GLU B 20 -11.47 -2.71 -0.48
CA GLU B 20 -10.48 -1.80 0.13
C GLU B 20 -10.88 -0.35 0.17
N SER B 21 -11.87 0.03 -0.60
CA SER B 21 -12.38 1.37 -0.46
C SER B 21 -13.20 1.53 0.84
N VAL B 22 -13.33 0.46 1.62
CA VAL B 22 -14.25 0.56 2.77
C VAL B 22 -13.40 0.36 3.99
N ASN B 23 -13.37 1.37 4.86
CA ASN B 23 -12.47 1.30 6.06
C ASN B 23 -12.96 2.29 7.14
N GLU B 24 -13.91 1.86 7.97
CA GLU B 24 -14.73 2.75 8.78
C GLU B 24 -15.53 1.91 9.78
N PRO B 25 -16.11 2.59 10.76
CA PRO B 25 -16.90 1.89 11.78
C PRO B 25 -18.23 1.40 11.21
N PHE B 26 -18.85 0.43 11.85
CA PHE B 26 -20.20 0.13 11.53
C PHE B 26 -21.10 1.24 12.05
N ILE B 27 -20.80 1.75 13.25
CA ILE B 27 -21.61 2.69 14.00
C ILE B 27 -20.69 3.82 14.40
N SER B 28 -20.98 5.00 13.85
CA SER B 28 -20.15 6.18 14.14
C SER B 28 -20.90 7.22 14.94
N ASP B 29 -20.25 8.33 15.27
CA ASP B 29 -20.93 9.43 15.98
C ASP B 29 -21.54 8.99 17.34
N ASN B 30 -20.83 8.08 17.99
CA ASN B 30 -21.15 7.54 19.30
C ASN B 30 -20.88 8.62 20.34
N LYS B 31 -21.60 8.65 21.46
CA LYS B 31 -21.48 9.70 22.48
C LYS B 31 -21.31 9.00 23.85
N VAL B 32 -20.25 9.33 24.57
CA VAL B 32 -20.00 8.79 25.88
C VAL B 32 -21.18 9.01 26.83
N GLU B 33 -21.80 10.20 26.70
CA GLU B 33 -22.91 10.56 27.59
C GLU B 33 -24.12 9.67 27.36
N ASP B 34 -24.18 8.99 26.22
CA ASP B 34 -25.31 8.04 25.95
C ASP B 34 -25.13 6.61 26.45
N VAL B 35 -23.90 6.27 26.84
CA VAL B 35 -23.52 4.93 27.25
C VAL B 35 -24.21 4.55 28.56
N ARG B 36 -24.73 3.32 28.65
CA ARG B 36 -25.35 2.82 29.89
C ARG B 36 -24.43 3.08 31.09
N LYS B 37 -24.95 3.71 32.15
CA LYS B 37 -24.18 4.02 33.37
CA LYS B 37 -24.16 4.02 33.36
C LYS B 37 -24.14 2.90 34.43
N ASP B 38 -25.02 1.91 34.33
CA ASP B 38 -25.17 0.84 35.30
C ASP B 38 -24.49 -0.46 34.75
N GLU B 39 -23.91 -1.28 35.66
CA GLU B 39 -23.37 -2.60 35.32
C GLU B 39 -24.42 -3.54 34.66
N TYR B 40 -24.01 -4.48 33.78
CA TYR B 40 -24.95 -5.41 33.17
C TYR B 40 -25.38 -6.34 34.33
N LYS B 41 -26.64 -6.82 34.28
CA LYS B 41 -27.15 -7.70 35.29
C LYS B 41 -26.54 -9.07 35.09
N LEU B 42 -26.11 -9.66 36.21
CA LEU B 42 -25.68 -11.02 36.28
C LEU B 42 -26.75 -11.92 36.93
N PRO B 43 -26.64 -13.24 36.75
CA PRO B 43 -27.66 -14.15 37.34
C PRO B 43 -27.57 -14.13 38.87
N PRO B 44 -28.67 -14.51 39.56
CA PRO B 44 -28.65 -14.45 41.01
C PRO B 44 -27.44 -15.19 41.63
N GLY B 45 -26.81 -14.58 42.62
CA GLY B 45 -25.70 -15.24 43.25
C GLY B 45 -24.33 -14.84 42.71
N TYR B 46 -24.32 -14.07 41.62
CA TYR B 46 -23.02 -13.62 41.04
C TYR B 46 -22.82 -12.11 41.15
N SER B 47 -21.57 -11.69 41.12
CA SER B 47 -21.19 -10.32 41.44
C SER B 47 -20.08 -9.88 40.55
N TRP B 48 -20.15 -8.64 40.03
CA TRP B 48 -18.92 -8.03 39.48
C TRP B 48 -17.87 -7.85 40.55
N TYR B 49 -16.61 -8.06 40.15
CA TYR B 49 -15.46 -7.85 41.03
C TYR B 49 -14.41 -6.98 40.32
N VAL B 50 -13.87 -6.03 41.09
CA VAL B 50 -12.86 -5.15 40.57
C VAL B 50 -11.53 -5.85 40.77
N CYS B 51 -10.95 -6.47 39.74
CA CYS B 51 -9.68 -7.17 39.96
C CYS B 51 -8.58 -6.14 39.92
N ASP B 52 -7.85 -5.99 41.03
CA ASP B 52 -6.65 -5.13 41.02
C ASP B 52 -5.44 -5.99 40.71
N VAL B 53 -5.00 -5.94 39.47
CA VAL B 53 -3.99 -6.92 39.06
C VAL B 53 -2.62 -6.66 39.78
N LYS B 54 -2.45 -5.47 40.36
CA LYS B 54 -1.21 -5.19 41.05
C LYS B 54 -1.28 -5.78 42.44
N ASP B 55 -2.46 -6.19 42.86
CA ASP B 55 -2.59 -6.77 44.16
C ASP B 55 -2.32 -8.26 44.08
N GLU B 56 -1.38 -8.74 44.92
CA GLU B 56 -1.01 -10.17 44.95
C GLU B 56 -2.19 -11.13 44.97
N LYS B 57 -3.02 -10.97 46.01
CA LYS B 57 -4.22 -11.79 46.19
C LYS B 57 -5.20 -11.79 44.99
N ASP B 58 -5.59 -10.61 44.50
CA ASP B 58 -6.40 -10.50 43.25
C ASP B 58 -5.72 -11.21 42.08
N ARG B 59 -4.46 -10.89 41.82
CA ARG B 59 -3.69 -11.59 40.79
C ARG B 59 -3.65 -13.10 40.94
N SER B 60 -3.51 -13.63 42.16
CA SER B 60 -3.43 -15.06 42.23
C SER B 60 -4.77 -15.65 41.92
N GLU B 61 -5.88 -14.92 42.18
N GLU B 61 -5.88 -14.92 42.17
CA GLU B 61 -7.22 -15.48 41.93
CA GLU B 61 -7.22 -15.47 41.92
C GLU B 61 -7.40 -15.60 40.41
C GLU B 61 -7.43 -15.58 40.42
N ILE B 62 -6.99 -14.54 39.69
CA ILE B 62 -7.05 -14.57 38.21
C ILE B 62 -6.20 -15.77 37.67
N TYR B 63 -4.98 -15.87 38.22
CA TYR B 63 -4.07 -16.94 37.91
C TYR B 63 -4.74 -18.28 38.11
N THR B 64 -5.32 -18.51 39.31
CA THR B 64 -6.00 -19.76 39.55
C THR B 64 -7.14 -20.01 38.53
N LEU B 65 -7.91 -18.96 38.22
CA LEU B 65 -9.05 -19.19 37.33
C LEU B 65 -8.55 -19.66 35.94
N LEU B 66 -7.53 -18.97 35.44
CA LEU B 66 -7.01 -19.23 34.10
C LEU B 66 -6.25 -20.55 34.15
N THR B 67 -5.50 -20.80 35.25
CA THR B 67 -4.76 -22.13 35.34
C THR B 67 -5.69 -23.34 35.18
N ASP B 68 -6.90 -23.18 35.70
CA ASP B 68 -7.82 -24.28 35.86
C ASP B 68 -8.80 -24.38 34.71
N ASN B 69 -9.06 -23.24 34.03
CA ASN B 69 -10.18 -23.13 33.12
C ASN B 69 -9.91 -22.48 31.76
N TYR B 70 -8.66 -22.21 31.43
CA TYR B 70 -8.44 -21.53 30.15
C TYR B 70 -8.31 -22.51 28.99
N VAL B 71 -7.78 -22.04 27.87
CA VAL B 71 -7.83 -22.78 26.65
C VAL B 71 -7.14 -24.15 26.80
N GLU B 72 -7.82 -25.20 26.35
CA GLU B 72 -7.22 -26.53 26.18
C GLU B 72 -7.08 -26.97 24.78
N ASP B 73 -6.23 -27.99 24.57
CA ASP B 73 -6.09 -28.56 23.23
C ASP B 73 -7.33 -29.40 22.96
N ASP B 74 -7.52 -29.70 21.68
CA ASP B 74 -8.55 -30.64 21.26
C ASP B 74 -8.65 -31.95 22.08
N ASP B 75 -7.52 -32.56 22.45
CA ASP B 75 -7.54 -33.83 23.21
C ASP B 75 -7.52 -33.69 24.74
N ASN B 76 -7.62 -32.43 25.20
CA ASN B 76 -7.65 -32.11 26.64
C ASN B 76 -6.46 -32.69 27.41
N ILE B 77 -5.27 -32.46 26.86
CA ILE B 77 -4.00 -33.01 27.35
C ILE B 77 -3.17 -31.82 27.90
N PHE B 78 -3.49 -30.62 27.37
CA PHE B 78 -2.72 -29.43 27.60
C PHE B 78 -3.69 -28.29 27.91
N ARG B 79 -3.26 -27.36 28.77
CA ARG B 79 -4.06 -26.12 29.15
C ARG B 79 -3.13 -24.97 29.32
N PHE B 80 -3.31 -23.88 28.57
CA PHE B 80 -2.41 -22.76 28.77
C PHE B 80 -2.25 -22.40 30.25
N ASN B 81 -1.03 -22.05 30.63
CA ASN B 81 -0.74 -21.76 32.06
C ASN B 81 0.05 -20.46 32.16
N TYR B 82 -0.56 -19.35 31.67
CA TYR B 82 0.08 -18.03 31.82
C TYR B 82 0.53 -17.80 33.32
N SER B 83 1.77 -17.35 33.54
CA SER B 83 2.27 -17.13 34.91
C SER B 83 1.59 -15.91 35.53
N ALA B 84 1.57 -15.86 36.85
CA ALA B 84 1.07 -14.62 37.50
C ALA B 84 1.86 -13.38 37.06
N GLU B 85 3.17 -13.51 36.93
CA GLU B 85 4.03 -12.40 36.60
C GLU B 85 3.76 -12.01 35.12
N PHE B 86 3.35 -12.97 34.31
CA PHE B 86 3.06 -12.67 32.89
C PHE B 86 1.78 -11.80 32.87
N LEU B 87 0.80 -12.20 33.65
CA LEU B 87 -0.50 -11.51 33.64
C LEU B 87 -0.32 -10.07 34.08
N LEU B 88 0.52 -9.89 35.10
CA LEU B 88 0.88 -8.52 35.54
C LEU B 88 1.36 -7.69 34.34
N TRP B 89 2.29 -8.26 33.57
CA TRP B 89 2.90 -7.55 32.46
C TRP B 89 1.88 -7.32 31.36
N ALA B 90 1.08 -8.33 31.06
CA ALA B 90 0.15 -8.22 29.96
C ALA B 90 -0.91 -7.12 30.24
N LEU B 91 -1.26 -6.91 31.50
CA LEU B 91 -2.43 -6.07 31.80
C LEU B 91 -2.11 -4.68 32.33
N THR B 92 -0.85 -4.37 32.57
CA THR B 92 -0.49 -3.03 33.16
C THR B 92 0.41 -2.21 32.24
N SER B 93 0.22 -2.35 30.95
CA SER B 93 0.85 -1.51 29.93
C SER B 93 0.48 -0.03 30.04
N PRO B 94 1.15 0.88 29.26
CA PRO B 94 0.97 2.31 29.56
C PRO B 94 -0.49 2.78 29.38
N ASN B 95 -0.93 3.61 30.34
CA ASN B 95 -2.27 4.13 30.32
C ASN B 95 -3.39 3.08 30.48
N TYR B 96 -3.07 1.86 30.99
CA TYR B 96 -4.06 0.85 31.15
C TYR B 96 -5.14 1.42 32.09
N LEU B 97 -6.36 0.93 31.94
CA LEU B 97 -7.48 1.27 32.85
C LEU B 97 -7.77 0.15 33.83
N LYS B 98 -7.81 0.53 35.10
CA LYS B 98 -8.18 -0.42 36.19
C LYS B 98 -9.63 -0.97 35.97
N THR B 99 -10.51 -0.15 35.42
CA THR B 99 -11.92 -0.54 35.14
C THR B 99 -12.04 -1.69 34.10
N TRP B 100 -10.99 -1.88 33.31
CA TRP B 100 -11.00 -2.85 32.22
C TRP B 100 -10.47 -4.24 32.62
N HIS B 101 -10.30 -4.52 33.94
CA HIS B 101 -9.87 -5.81 34.42
C HIS B 101 -11.02 -6.36 35.30
N ILE B 102 -11.83 -7.22 34.69
CA ILE B 102 -13.15 -7.46 35.22
C ILE B 102 -13.30 -8.91 35.64
N GLY B 103 -13.57 -9.09 36.94
CA GLY B 103 -13.87 -10.37 37.55
C GLY B 103 -15.36 -10.64 37.72
N VAL B 104 -15.72 -11.92 37.74
CA VAL B 104 -17.06 -12.29 38.23
C VAL B 104 -16.85 -13.33 39.36
N LYS B 105 -17.47 -13.05 40.49
CA LYS B 105 -17.45 -13.96 41.66
C LYS B 105 -18.79 -14.58 41.96
N TYR B 106 -18.75 -15.84 42.39
CA TYR B 106 -19.91 -16.45 43.02
C TYR B 106 -19.90 -16.09 44.51
N ASP B 107 -20.93 -15.36 44.91
CA ASP B 107 -21.06 -14.78 46.23
C ASP B 107 -20.91 -15.78 47.40
N ALA B 108 -21.51 -16.97 47.26
CA ALA B 108 -21.71 -17.85 48.42
C ALA B 108 -20.38 -18.48 48.83
N SER B 109 -19.46 -18.58 47.87
CA SER B 109 -18.14 -19.17 48.10
C SER B 109 -17.06 -18.11 47.92
N ASN B 110 -17.46 -16.90 47.55
CA ASN B 110 -16.50 -15.83 47.30
C ASN B 110 -15.26 -16.30 46.49
N LYS B 111 -15.53 -17.08 45.45
CA LYS B 111 -14.49 -17.54 44.53
C LYS B 111 -14.68 -16.92 43.11
N LEU B 112 -13.57 -16.67 42.39
CA LEU B 112 -13.60 -16.06 41.05
C LEU B 112 -13.97 -17.06 39.95
N ILE B 113 -15.07 -16.81 39.23
CA ILE B 113 -15.57 -17.77 38.25
C ILE B 113 -15.57 -17.24 36.81
N GLY B 114 -15.28 -15.95 36.62
CA GLY B 114 -15.26 -15.35 35.23
C GLY B 114 -14.24 -14.25 35.17
N PHE B 115 -13.64 -14.00 33.99
CA PHE B 115 -12.71 -12.89 33.86
C PHE B 115 -12.75 -12.42 32.42
N ILE B 116 -12.55 -11.14 32.24
CA ILE B 116 -12.31 -10.55 30.88
C ILE B 116 -11.41 -9.29 31.12
N SER B 117 -10.57 -8.91 30.14
CA SER B 117 -9.68 -7.79 30.27
C SER B 117 -9.49 -7.04 28.93
N ALA B 118 -9.06 -5.77 29.03
CA ALA B 118 -8.60 -5.03 27.84
C ALA B 118 -7.48 -4.12 28.26
N ILE B 119 -6.63 -3.71 27.29
CA ILE B 119 -5.68 -2.64 27.51
C ILE B 119 -5.83 -1.77 26.27
N PRO B 120 -5.54 -0.46 26.38
CA PRO B 120 -5.70 0.49 25.24
C PRO B 120 -4.48 0.51 24.35
N THR B 121 -4.64 0.67 23.04
CA THR B 121 -3.46 0.98 22.24
C THR B 121 -3.93 1.59 20.87
N ASP B 122 -3.04 2.20 20.13
CA ASP B 122 -3.42 2.70 18.79
C ASP B 122 -3.20 1.54 17.83
N ILE B 123 -4.22 1.20 17.01
CA ILE B 123 -4.19 0.15 16.00
C ILE B 123 -4.35 0.83 14.66
N CYS B 124 -3.48 0.54 13.73
CA CYS B 124 -3.58 1.06 12.38
C CYS B 124 -4.12 -0.11 11.53
N ILE B 125 -5.27 0.10 10.91
CA ILE B 125 -5.94 -0.90 10.07
C ILE B 125 -6.06 -0.20 8.72
N HIS B 126 -5.43 -0.77 7.71
CA HIS B 126 -5.44 -0.22 6.32
C HIS B 126 -5.10 1.29 6.36
N LYS B 127 -4.00 1.64 7.03
CA LYS B 127 -3.50 3.03 6.98
C LYS B 127 -4.36 4.03 7.71
N ARG B 128 -5.18 3.59 8.67
CA ARG B 128 -6.05 4.48 9.42
C ARG B 128 -5.81 4.09 10.85
N THR B 129 -5.33 5.02 11.68
CA THR B 129 -5.00 4.72 13.12
C THR B 129 -6.13 5.00 14.03
N ILE B 130 -6.55 4.02 14.85
CA ILE B 130 -7.73 4.20 15.69
C ILE B 130 -7.39 3.73 17.07
N LYS B 131 -7.88 4.45 18.09
CA LYS B 131 -7.61 4.04 19.50
C LYS B 131 -8.51 2.85 19.78
N MET B 132 -7.93 1.72 20.16
CA MET B 132 -8.77 0.52 20.32
C MET B 132 -8.53 -0.09 21.69
N ALA B 133 -9.48 -0.90 22.12
CA ALA B 133 -9.24 -1.84 23.26
C ALA B 133 -8.76 -3.22 22.67
N GLU B 134 -7.68 -3.77 23.23
CA GLU B 134 -7.19 -5.08 22.85
C GLU B 134 -7.71 -5.99 23.98
N VAL B 135 -8.67 -6.85 23.62
CA VAL B 135 -9.35 -7.69 24.65
C VAL B 135 -8.71 -9.07 24.76
N ASN B 136 -8.62 -9.65 26.00
CA ASN B 136 -7.91 -10.92 26.11
C ASN B 136 -8.34 -11.53 27.40
N PHE B 137 -8.03 -12.81 27.52
CA PHE B 137 -8.21 -13.59 28.77
C PHE B 137 -9.67 -13.77 29.20
N LEU B 138 -10.58 -13.71 28.25
CA LEU B 138 -11.98 -14.14 28.49
C LEU B 138 -12.01 -15.61 29.02
N CYS B 139 -12.63 -15.84 30.17
CA CYS B 139 -12.66 -17.15 30.73
C CYS B 139 -13.83 -17.30 31.71
N VAL B 140 -14.62 -18.35 31.52
CA VAL B 140 -15.67 -18.71 32.47
C VAL B 140 -15.31 -20.08 33.08
N HIS B 141 -15.49 -20.25 34.40
CA HIS B 141 -15.18 -21.53 35.04
C HIS B 141 -15.78 -22.74 34.31
N LYS B 142 -15.03 -23.84 34.19
CA LYS B 142 -15.55 -25.01 33.49
C LYS B 142 -16.93 -25.49 33.97
N THR B 143 -17.24 -25.37 35.27
CA THR B 143 -18.55 -25.80 35.80
C THR B 143 -19.74 -24.94 35.37
N LEU B 144 -19.51 -23.90 34.57
CA LEU B 144 -20.55 -22.83 34.39
C LEU B 144 -20.63 -22.49 32.90
N ARG B 145 -20.15 -23.42 32.09
CA ARG B 145 -20.16 -23.28 30.62
C ARG B 145 -21.49 -23.35 29.94
N SER B 146 -21.66 -22.69 28.79
CA SER B 146 -22.92 -22.77 28.07
C SER B 146 -24.08 -22.21 28.85
N LYS B 147 -23.81 -21.22 29.69
CA LYS B 147 -24.84 -20.48 30.41
C LYS B 147 -25.10 -19.08 29.94
N ARG B 148 -24.50 -18.70 28.80
CA ARG B 148 -24.64 -17.31 28.24
C ARG B 148 -24.03 -16.27 29.22
N LEU B 149 -23.02 -16.66 29.97
CA LEU B 149 -22.29 -15.71 30.74
C LEU B 149 -21.33 -14.92 29.87
N ALA B 150 -20.73 -15.53 28.83
CA ALA B 150 -19.66 -14.79 28.13
C ALA B 150 -20.29 -13.52 27.51
N PRO B 151 -21.56 -13.59 27.01
CA PRO B 151 -22.01 -12.34 26.34
C PRO B 151 -22.21 -11.24 27.37
N VAL B 152 -22.37 -11.59 28.67
CA VAL B 152 -22.56 -10.55 29.68
C VAL B 152 -21.17 -9.92 30.01
N LEU B 153 -20.12 -10.73 30.09
CA LEU B 153 -18.74 -10.28 30.24
C LEU B 153 -18.38 -9.32 29.08
N ILE B 154 -18.70 -9.74 27.89
CA ILE B 154 -18.37 -8.90 26.69
C ILE B 154 -19.15 -7.53 26.67
N LYS B 155 -20.47 -7.59 26.91
CA LYS B 155 -21.25 -6.35 26.90
C LYS B 155 -20.76 -5.39 28.01
N GLU B 156 -20.40 -5.97 29.16
CA GLU B 156 -19.90 -5.16 30.24
C GLU B 156 -18.55 -4.49 29.93
N ILE B 157 -17.59 -5.22 29.34
CA ILE B 157 -16.30 -4.57 29.11
C ILE B 157 -16.54 -3.61 27.94
N THR B 158 -17.51 -3.92 27.07
CA THR B 158 -17.77 -2.98 25.89
C THR B 158 -18.28 -1.65 26.50
N ARG B 159 -19.23 -1.75 27.43
CA ARG B 159 -19.73 -0.55 28.10
C ARG B 159 -18.56 0.26 28.77
N ARG B 160 -17.73 -0.45 29.56
CA ARG B 160 -16.60 0.16 30.22
C ARG B 160 -15.55 0.82 29.30
N ILE B 161 -15.37 0.25 28.13
CA ILE B 161 -14.42 0.80 27.15
C ILE B 161 -15.06 2.03 26.45
N ASN B 162 -16.37 1.90 26.17
CA ASN B 162 -17.12 3.02 25.65
C ASN B 162 -17.06 4.29 26.51
N LEU B 163 -17.00 4.10 27.83
CA LEU B 163 -16.94 5.24 28.77
C LEU B 163 -15.63 5.96 28.64
N GLU B 164 -14.68 5.35 27.91
CA GLU B 164 -13.43 6.03 27.65
C GLU B 164 -13.42 6.67 26.25
N ASN B 165 -14.59 6.79 25.64
CA ASN B 165 -14.71 7.26 24.25
C ASN B 165 -13.91 6.40 23.25
N ILE B 166 -13.86 5.09 23.50
CA ILE B 166 -13.24 4.10 22.58
C ILE B 166 -14.33 3.16 22.12
N TRP B 167 -14.48 3.06 20.80
CA TRP B 167 -15.61 2.42 20.11
C TRP B 167 -15.24 1.21 19.23
N GLN B 168 -13.93 0.90 19.14
CA GLN B 168 -13.41 -0.25 18.36
C GLN B 168 -12.54 -1.13 19.27
N ALA B 169 -12.37 -2.43 18.98
CA ALA B 169 -11.44 -3.26 19.67
C ALA B 169 -10.93 -4.34 18.74
N ILE B 170 -9.83 -4.98 19.16
CA ILE B 170 -9.16 -6.06 18.43
C ILE B 170 -9.05 -7.22 19.40
N TYR B 171 -9.20 -8.43 18.87
CA TYR B 171 -9.16 -9.60 19.67
C TYR B 171 -8.86 -10.76 18.75
N THR B 172 -8.43 -11.88 19.32
CA THR B 172 -8.17 -13.06 18.49
C THR B 172 -8.76 -14.26 19.16
N ALA B 173 -9.10 -15.27 18.34
CA ALA B 173 -9.65 -16.48 18.93
C ALA B 173 -9.42 -17.67 17.98
N GLY B 174 -9.38 -18.86 18.55
CA GLY B 174 -9.29 -20.07 17.77
C GLY B 174 -10.64 -20.48 17.22
N VAL B 175 -11.74 -20.10 17.88
CA VAL B 175 -13.04 -20.36 17.29
C VAL B 175 -13.41 -19.34 16.16
N TYR B 176 -14.24 -19.80 15.25
CA TYR B 176 -14.70 -19.01 14.14
C TYR B 176 -15.93 -18.18 14.54
N LEU B 177 -15.82 -16.86 14.46
CA LEU B 177 -16.91 -15.92 14.84
C LEU B 177 -17.10 -14.92 13.68
N PRO B 178 -18.19 -14.13 13.70
CA PRO B 178 -18.43 -13.13 12.71
C PRO B 178 -17.50 -11.94 13.00
N LYS B 179 -16.55 -11.58 12.13
CA LYS B 179 -16.01 -12.38 11.01
C LYS B 179 -14.51 -11.99 10.95
N PRO B 180 -13.57 -12.97 10.81
CA PRO B 180 -12.12 -12.64 10.87
C PRO B 180 -11.75 -11.63 9.78
N VAL B 181 -10.82 -10.70 10.10
CA VAL B 181 -10.20 -9.79 9.15
C VAL B 181 -9.03 -10.57 8.55
N SER B 182 -8.51 -11.54 9.31
CA SER B 182 -7.40 -12.40 8.75
C SER B 182 -7.38 -13.67 9.57
N ASP B 183 -6.69 -14.71 9.12
CA ASP B 183 -6.72 -16.04 9.76
C ASP B 183 -5.31 -16.60 9.55
N ALA B 184 -4.62 -17.02 10.61
CA ALA B 184 -3.20 -17.40 10.55
C ALA B 184 -3.00 -18.67 11.35
N ARG B 185 -2.45 -19.72 10.74
CA ARG B 185 -2.05 -20.90 11.50
C ARG B 185 -0.83 -20.67 12.34
N TYR B 186 -0.72 -21.44 13.42
CA TYR B 186 0.53 -21.64 14.10
C TYR B 186 1.35 -22.72 13.41
N TYR B 187 2.65 -22.56 13.49
CA TYR B 187 3.64 -23.58 13.15
C TYR B 187 4.56 -23.75 14.35
N HIS B 188 5.17 -24.93 14.51
CA HIS B 188 5.97 -25.30 15.77
C HIS B 188 7.29 -25.90 15.38
N ARG B 189 8.36 -25.38 15.97
CA ARG B 189 9.69 -25.90 15.70
C ARG B 189 10.16 -26.64 16.96
N SER B 190 10.39 -27.95 16.88
CA SER B 190 10.76 -28.75 18.09
C SER B 190 12.16 -28.33 18.56
N ILE B 191 12.34 -28.20 19.87
CA ILE B 191 13.66 -27.97 20.42
C ILE B 191 14.02 -29.20 21.27
N ASN B 192 13.16 -29.57 22.20
CA ASN B 192 13.39 -30.75 23.07
C ASN B 192 12.53 -31.92 22.58
N VAL B 193 13.07 -32.59 21.56
CA VAL B 193 12.29 -33.54 20.77
C VAL B 193 11.80 -34.70 21.60
N LYS B 194 12.69 -35.27 22.38
CA LYS B 194 12.23 -36.41 23.15
C LYS B 194 11.02 -36.11 24.05
N LYS B 195 11.10 -35.02 24.79
CA LYS B 195 9.96 -34.59 25.61
C LYS B 195 8.68 -34.35 24.78
N LEU B 196 8.78 -33.60 23.69
CA LEU B 196 7.63 -33.42 22.85
C LEU B 196 6.94 -34.71 22.34
N ILE B 197 7.73 -35.72 22.00
CA ILE B 197 7.18 -37.10 21.72
C ILE B 197 6.51 -37.74 22.94
N GLU B 198 7.23 -37.72 24.05
CA GLU B 198 6.75 -38.44 25.27
C GLU B 198 5.41 -37.89 25.76
N ILE B 199 5.16 -36.59 25.52
CA ILE B 199 3.92 -35.89 25.94
C ILE B 199 2.80 -35.90 24.92
N GLY B 200 3.13 -36.41 23.74
CA GLY B 200 2.22 -36.50 22.62
C GLY B 200 2.03 -35.19 21.87
N PHE B 201 3.00 -34.29 21.93
CA PHE B 201 2.91 -33.06 21.16
C PHE B 201 3.33 -33.32 19.71
N SER B 202 4.33 -34.18 19.52
CA SER B 202 4.87 -34.55 18.21
C SER B 202 4.81 -36.04 18.13
N SER B 203 5.04 -36.56 16.93
CA SER B 203 5.17 -38.02 16.78
C SER B 203 6.37 -38.54 15.95
N LEU B 204 6.65 -39.82 16.08
CA LEU B 204 7.67 -40.53 15.28
C LEU B 204 6.96 -41.37 14.20
N ASN B 205 7.75 -41.97 13.32
CA ASN B 205 7.25 -42.98 12.36
C ASN B 205 8.41 -43.92 11.96
N SER B 206 8.15 -44.82 11.02
CA SER B 206 9.16 -45.79 10.58
C SER B 206 10.39 -45.15 9.93
N ARG B 207 10.19 -44.06 9.18
CA ARG B 207 11.30 -43.25 8.68
C ARG B 207 11.98 -42.48 9.81
N LEU B 208 11.15 -41.79 10.60
CA LEU B 208 11.67 -40.90 11.61
C LEU B 208 11.63 -41.63 12.91
N THR B 209 12.70 -42.37 13.18
CA THR B 209 12.97 -42.94 14.52
C THR B 209 13.31 -41.83 15.55
N MET B 210 13.37 -42.23 16.83
CA MET B 210 13.69 -41.31 17.91
C MET B 210 15.09 -40.69 17.67
N SER B 211 16.15 -41.52 17.47
CA SER B 211 17.52 -40.96 17.26
C SER B 211 17.52 -40.02 16.01
N ARG B 212 16.75 -40.37 14.97
CA ARG B 212 16.78 -39.56 13.74
C ARG B 212 16.00 -38.23 13.94
N ALA B 213 14.97 -38.29 14.77
CA ALA B 213 14.22 -37.07 15.06
C ALA B 213 15.08 -36.10 15.90
N ILE B 214 15.74 -36.61 16.95
CA ILE B 214 16.73 -35.81 17.70
C ILE B 214 17.75 -35.21 16.72
N LYS B 215 18.32 -35.98 15.83
CA LYS B 215 19.29 -35.41 14.88
C LYS B 215 18.68 -34.33 13.99
N LEU B 216 17.51 -34.61 13.47
CA LEU B 216 16.88 -33.68 12.58
C LEU B 216 16.70 -32.31 13.26
N TYR B 217 16.36 -32.27 14.55
CA TYR B 217 16.05 -31.00 15.16
C TYR B 217 17.23 -30.36 15.87
N ARG B 218 18.38 -31.03 15.81
CA ARG B 218 19.62 -30.58 16.48
C ARG B 218 20.00 -29.16 16.01
N VAL B 219 20.46 -28.28 16.89
CA VAL B 219 20.78 -26.94 16.44
C VAL B 219 22.20 -26.67 16.89
N GLU B 220 22.92 -25.93 16.04
CA GLU B 220 24.28 -25.51 16.34
C GLU B 220 24.22 -24.37 17.36
N ASP B 221 24.90 -24.55 18.49
CA ASP B 221 24.93 -23.50 19.51
C ASP B 221 25.80 -22.25 19.21
N THR B 222 25.71 -21.69 17.99
CA THR B 222 26.43 -20.46 17.59
C THR B 222 25.48 -19.53 16.86
N LEU B 223 25.40 -18.26 17.27
CA LEU B 223 24.43 -17.38 16.68
C LEU B 223 24.92 -16.94 15.27
N ASN B 224 24.01 -16.72 14.31
CA ASN B 224 24.38 -16.04 13.05
C ASN B 224 24.80 -14.58 13.25
N ILE B 225 24.07 -13.86 14.10
CA ILE B 225 24.33 -12.45 14.46
C ILE B 225 25.02 -12.51 15.84
N LYS B 226 26.35 -12.57 15.82
CA LYS B 226 27.18 -12.83 16.97
C LYS B 226 26.93 -11.92 18.20
N ASN B 227 26.57 -10.64 17.98
CA ASN B 227 26.45 -9.62 19.07
C ASN B 227 25.04 -9.47 19.66
N MET B 228 24.12 -10.39 19.34
CA MET B 228 22.74 -10.33 19.82
C MET B 228 22.81 -10.41 21.31
N ARG B 229 22.24 -9.43 21.99
CA ARG B 229 22.34 -9.32 23.44
C ARG B 229 20.98 -8.89 24.03
N LEU B 230 20.66 -9.22 25.29
CA LEU B 230 19.42 -8.77 25.87
C LEU B 230 19.29 -7.26 25.75
N MET B 231 18.10 -6.82 25.38
CA MET B 231 17.74 -5.42 25.38
C MET B 231 17.86 -4.65 26.70
N LYS B 232 18.33 -3.40 26.64
CA LYS B 232 18.38 -2.52 27.84
C LYS B 232 17.59 -1.25 27.58
N LYS B 233 17.21 -0.56 28.65
CA LYS B 233 16.59 0.77 28.53
C LYS B 233 17.23 1.73 27.51
N LYS B 234 18.56 1.78 27.44
CA LYS B 234 19.22 2.66 26.46
C LYS B 234 18.88 2.31 25.03
N ASP B 235 18.43 1.06 24.79
CA ASP B 235 18.01 0.59 23.48
C ASP B 235 16.59 0.98 23.08
N VAL B 236 15.81 1.61 23.97
CA VAL B 236 14.39 1.83 23.67
C VAL B 236 14.21 2.67 22.40
N GLU B 237 14.99 3.72 22.32
CA GLU B 237 14.91 4.59 21.11
C GLU B 237 15.22 3.79 19.84
N GLY B 238 16.31 3.02 19.85
CA GLY B 238 16.66 2.19 18.69
C GLY B 238 15.58 1.20 18.23
N VAL B 239 15.04 0.44 19.19
CA VAL B 239 14.00 -0.52 18.90
C VAL B 239 12.74 0.17 18.37
N HIS B 240 12.43 1.37 18.89
CA HIS B 240 11.20 2.07 18.55
C HIS B 240 11.27 2.47 17.06
N LYS B 241 12.48 2.83 16.58
CA LYS B 241 12.65 3.37 15.16
C LYS B 241 12.69 2.16 14.30
N LEU B 242 13.43 1.16 14.74
CA LEU B 242 13.51 -0.09 13.93
C LEU B 242 12.13 -0.72 13.68
N LEU B 243 11.52 -1.12 14.77
CA LEU B 243 10.22 -1.82 14.73
C LEU B 243 9.15 -0.90 14.08
N GLY B 244 9.12 0.36 14.49
CA GLY B 244 8.07 1.24 14.08
C GLY B 244 8.15 1.43 12.58
N SER B 245 9.37 1.58 12.05
CA SER B 245 9.52 1.68 10.57
C SER B 245 9.17 0.39 9.83
N TYR B 246 9.56 -0.75 10.37
CA TYR B 246 9.22 -2.09 9.87
C TYR B 246 7.71 -2.38 9.79
N LEU B 247 6.96 -1.92 10.78
CA LEU B 247 5.55 -2.32 10.87
C LEU B 247 4.65 -1.61 9.86
N GLU B 248 5.15 -0.50 9.32
CA GLU B 248 4.37 0.35 8.42
C GLU B 248 3.88 -0.31 7.19
N GLN B 249 4.58 -1.34 6.74
CA GLN B 249 4.21 -2.05 5.54
C GLN B 249 2.94 -2.90 5.70
N PHE B 250 2.51 -3.19 6.93
CA PHE B 250 1.44 -4.14 7.13
C PHE B 250 0.09 -3.51 7.15
N ASN B 251 -0.93 -4.33 6.94
CA ASN B 251 -2.34 -3.88 6.88
C ASN B 251 -2.92 -3.66 8.28
N LEU B 252 -2.29 -4.29 9.28
CA LEU B 252 -2.85 -4.29 10.65
C LEU B 252 -1.69 -4.33 11.59
N TYR B 253 -1.58 -3.32 12.44
CA TYR B 253 -0.48 -3.23 13.41
C TYR B 253 -0.73 -2.23 14.53
N ALA B 254 0.01 -2.40 15.63
CA ALA B 254 0.00 -1.44 16.74
C ALA B 254 0.99 -0.36 16.48
N VAL B 255 0.57 0.88 16.62
CA VAL B 255 1.50 1.99 16.51
C VAL B 255 2.08 2.30 17.92
N PHE B 256 3.25 1.75 18.22
CA PHE B 256 3.81 1.82 19.52
C PHE B 256 4.41 3.18 19.83
N THR B 257 4.07 3.67 21.01
CA THR B 257 4.82 4.82 21.56
C THR B 257 6.16 4.35 22.12
N LYS B 258 7.06 5.29 22.40
CA LYS B 258 8.31 4.96 23.06
C LYS B 258 8.02 4.28 24.43
N GLU B 259 6.99 4.73 25.14
N GLU B 259 7.00 4.76 25.16
CA GLU B 259 6.64 4.14 26.43
CA GLU B 259 6.54 4.15 26.43
C GLU B 259 6.06 2.72 26.27
C GLU B 259 6.16 2.69 26.21
N GLU B 260 5.34 2.46 25.19
CA GLU B 260 4.92 1.13 24.90
C GLU B 260 6.12 0.22 24.50
N ILE B 261 7.13 0.75 23.79
CA ILE B 261 8.33 -0.04 23.49
C ILE B 261 8.98 -0.55 24.79
N ALA B 262 9.13 0.34 25.75
CA ALA B 262 9.87 -0.02 26.95
C ALA B 262 9.06 -1.08 27.68
N HIS B 263 7.75 -0.87 27.75
CA HIS B 263 6.91 -1.84 28.45
C HIS B 263 6.93 -3.24 27.77
N TRP B 264 6.72 -3.28 26.46
CA TRP B 264 6.42 -4.55 25.78
C TRP B 264 7.65 -5.35 25.40
N PHE B 265 8.81 -4.72 25.44
CA PHE B 265 10.04 -5.36 25.02
C PHE B 265 11.10 -5.47 26.14
N LEU B 266 11.09 -4.60 27.13
CA LEU B 266 12.22 -4.74 28.10
C LEU B 266 12.10 -6.11 28.82
N PRO B 267 13.21 -6.89 28.87
CA PRO B 267 13.09 -8.29 29.16
C PRO B 267 12.72 -8.52 30.64
N ILE B 268 11.82 -9.47 30.84
CA ILE B 268 11.45 -9.94 32.19
C ILE B 268 11.60 -11.45 32.10
N GLU B 269 12.44 -11.99 33.00
CA GLU B 269 12.77 -13.42 33.08
C GLU B 269 11.42 -14.18 33.09
N ASN B 270 11.29 -15.22 32.26
CA ASN B 270 10.07 -16.05 32.21
C ASN B 270 8.81 -15.34 31.77
N VAL B 271 8.99 -14.20 31.12
CA VAL B 271 7.84 -13.48 30.61
C VAL B 271 8.06 -13.04 29.13
N ILE B 272 9.07 -12.19 28.91
CA ILE B 272 9.35 -11.53 27.61
C ILE B 272 10.90 -11.43 27.46
N TYR B 273 11.40 -11.87 26.28
CA TYR B 273 12.82 -11.97 25.95
C TYR B 273 12.94 -11.13 24.68
N THR B 274 13.84 -10.17 24.75
CA THR B 274 14.09 -9.30 23.58
C THR B 274 15.60 -9.14 23.48
N TYR B 275 16.14 -9.47 22.29
CA TYR B 275 17.58 -9.42 22.00
C TYR B 275 17.75 -8.44 20.85
N VAL B 276 18.83 -7.66 20.95
CA VAL B 276 19.11 -6.64 19.92
C VAL B 276 20.56 -6.80 19.40
N ASN B 277 20.81 -6.35 18.14
CA ASN B 277 22.17 -6.23 17.61
C ASN B 277 22.46 -4.72 17.47
N GLU B 278 23.46 -4.18 18.19
CA GLU B 278 23.76 -2.74 18.13
C GLU B 278 25.02 -2.63 17.35
N GLU B 279 25.01 -1.78 16.30
CA GLU B 279 26.14 -1.70 15.38
C GLU B 279 26.32 -0.23 15.02
N ASN B 280 27.49 0.34 15.35
CA ASN B 280 27.63 1.80 15.30
C ASN B 280 26.62 2.56 16.12
N GLY B 281 26.40 2.15 17.37
CA GLY B 281 25.40 2.78 18.25
C GLY B 281 23.98 2.76 17.73
N LYS B 282 23.76 2.10 16.59
CA LYS B 282 22.42 1.92 16.02
C LYS B 282 21.90 0.49 16.29
N ILE B 283 20.65 0.38 16.75
CA ILE B 283 19.96 -0.94 16.75
C ILE B 283 19.54 -1.34 15.34
N LYS B 284 20.13 -2.41 14.82
CA LYS B 284 19.88 -2.88 13.45
C LYS B 284 19.11 -4.17 13.32
N ASP B 285 19.05 -5.00 14.37
CA ASP B 285 18.25 -6.25 14.30
C ASP B 285 17.65 -6.47 15.69
N MET B 286 16.46 -7.08 15.75
CA MET B 286 15.88 -7.48 17.06
C MET B 286 15.20 -8.84 16.94
N ILE B 287 15.13 -9.51 18.08
CA ILE B 287 14.46 -10.78 18.16
C ILE B 287 13.66 -10.69 19.49
N SER B 288 12.35 -11.06 19.52
CA SER B 288 11.65 -11.13 20.83
C SER B 288 10.69 -12.32 20.79
N PHE B 289 10.47 -12.94 21.96
CA PHE B 289 9.52 -14.01 22.07
C PHE B 289 9.05 -14.04 23.49
N TYR B 290 7.81 -14.45 23.70
CA TYR B 290 7.25 -14.48 25.05
C TYR B 290 7.10 -15.89 25.58
N SER B 291 7.08 -16.01 26.91
CA SER B 291 6.93 -17.28 27.52
C SER B 291 5.44 -17.62 27.76
N LEU B 292 4.96 -18.75 27.21
CA LEU B 292 3.58 -19.28 27.54
C LEU B 292 3.56 -20.81 27.71
N PRO B 293 3.74 -21.26 28.95
CA PRO B 293 3.80 -22.66 29.16
C PRO B 293 2.41 -23.29 29.00
N SER B 294 2.36 -24.58 28.69
CA SER B 294 1.08 -25.36 28.86
C SER B 294 1.23 -26.32 30.01
N GLN B 295 0.27 -26.31 30.88
CA GLN B 295 0.27 -27.36 31.94
C GLN B 295 -0.11 -28.71 31.20
N ILE B 296 0.55 -29.85 31.54
CA ILE B 296 0.27 -31.15 30.89
C ILE B 296 -0.65 -31.90 31.81
N LEU B 297 -1.74 -32.40 31.25
CA LEU B 297 -2.74 -33.02 32.10
C LEU B 297 -2.60 -34.54 32.11
N GLY B 298 -2.35 -35.11 33.29
CA GLY B 298 -2.43 -36.55 33.42
C GLY B 298 -1.19 -37.25 32.90
N ASN B 299 -0.02 -36.62 32.96
CA ASN B 299 1.18 -37.33 32.47
C ASN B 299 2.15 -37.45 33.61
N ASP B 300 2.47 -38.68 34.06
CA ASP B 300 3.27 -38.88 35.30
C ASP B 300 4.66 -38.29 35.22
N LYS B 301 5.22 -38.14 34.01
CA LYS B 301 6.60 -37.69 33.94
C LYS B 301 6.72 -36.18 33.87
N TYR B 302 5.80 -35.54 33.15
CA TYR B 302 5.94 -34.09 32.86
C TYR B 302 4.70 -33.33 33.27
N SER B 303 4.83 -32.16 33.86
CA SER B 303 3.57 -31.44 34.16
C SER B 303 3.51 -30.12 33.39
N THR B 304 4.63 -29.75 32.78
CA THR B 304 4.76 -28.46 32.08
C THR B 304 5.48 -28.61 30.73
N LEU B 305 4.92 -27.94 29.72
CA LEU B 305 5.62 -27.73 28.45
C LEU B 305 6.06 -26.26 28.40
N ASN B 306 7.35 -26.00 28.23
CA ASN B 306 7.77 -24.61 28.17
C ASN B 306 7.83 -24.19 26.72
N ALA B 307 7.10 -23.15 26.41
CA ALA B 307 7.01 -22.77 24.99
C ALA B 307 7.31 -21.32 24.79
N ALA B 308 8.22 -21.01 23.85
CA ALA B 308 8.49 -19.63 23.42
C ALA B 308 7.60 -19.31 22.25
N TYR B 309 6.98 -18.12 22.26
CA TYR B 309 6.16 -17.66 21.14
C TYR B 309 6.83 -16.48 20.48
N SER B 310 7.09 -16.62 19.20
CA SER B 310 7.59 -15.49 18.38
C SER B 310 6.71 -14.23 18.53
N PHE B 311 7.32 -13.03 18.64
CA PHE B 311 6.59 -11.80 19.01
C PHE B 311 6.96 -10.84 17.92
N TYR B 312 8.04 -10.10 18.05
CA TYR B 312 8.43 -9.26 16.90
C TYR B 312 9.90 -9.45 16.54
N ASN B 313 10.20 -9.59 15.24
CA ASN B 313 11.59 -9.86 14.82
C ASN B 313 11.83 -9.08 13.56
N VAL B 314 13.00 -8.45 13.48
CA VAL B 314 13.26 -7.54 12.36
C VAL B 314 14.73 -7.71 12.08
N THR B 315 15.13 -7.76 10.81
CA THR B 315 16.56 -7.82 10.52
C THR B 315 16.94 -6.81 9.40
N THR B 316 18.05 -6.08 9.61
CA THR B 316 18.68 -5.38 8.50
C THR B 316 20.09 -5.83 8.20
N THR B 317 20.65 -6.76 8.97
CA THR B 317 22.03 -7.18 8.68
C THR B 317 22.18 -8.64 8.32
N ALA B 318 21.08 -9.35 8.18
CA ALA B 318 21.13 -10.80 7.95
C ALA B 318 19.86 -11.15 7.19
N THR B 319 19.73 -12.39 6.75
CA THR B 319 18.45 -12.80 6.15
C THR B 319 17.40 -13.12 7.22
N PHE B 320 16.13 -13.06 6.83
CA PHE B 320 15.11 -13.30 7.86
C PHE B 320 15.29 -14.73 8.39
N LYS B 321 15.65 -15.67 7.51
CA LYS B 321 15.91 -17.03 7.89
C LYS B 321 16.98 -17.08 9.00
N GLN B 322 18.10 -16.37 8.78
CA GLN B 322 19.22 -16.36 9.73
C GLN B 322 18.76 -15.78 11.01
N LEU B 323 17.95 -14.72 10.90
CA LEU B 323 17.34 -14.16 12.08
C LEU B 323 16.50 -15.11 12.94
N MET B 324 15.56 -15.80 12.30
CA MET B 324 14.67 -16.78 12.98
C MET B 324 15.43 -18.02 13.43
N GLN B 325 16.51 -18.34 12.72
CA GLN B 325 17.36 -19.42 13.24
C GLN B 325 17.99 -19.00 14.59
N ASP B 326 18.48 -17.76 14.69
CA ASP B 326 19.01 -17.22 15.98
C ASP B 326 17.92 -17.14 17.03
N ALA B 327 16.72 -16.81 16.56
CA ALA B 327 15.55 -16.83 17.44
C ALA B 327 15.35 -18.14 18.13
N ILE B 328 15.30 -19.23 17.33
CA ILE B 328 15.24 -20.60 17.89
C ILE B 328 16.31 -20.92 18.92
N LEU B 329 17.55 -20.69 18.54
CA LEU B 329 18.71 -20.88 19.43
C LEU B 329 18.55 -20.10 20.75
N LEU B 330 18.25 -18.81 20.67
CA LEU B 330 18.03 -18.08 21.89
C LEU B 330 16.91 -18.72 22.74
N ALA B 331 15.78 -19.08 22.12
CA ALA B 331 14.78 -19.88 22.87
C ALA B 331 15.40 -21.17 23.45
N LYS B 332 16.14 -21.91 22.63
CA LYS B 332 16.81 -23.10 23.22
C LYS B 332 17.68 -22.83 24.46
N ARG B 333 18.48 -21.78 24.35
CA ARG B 333 19.39 -21.31 25.43
C ARG B 333 18.66 -20.94 26.67
N ASN B 334 17.39 -20.55 26.54
CA ASN B 334 16.64 -20.20 27.72
C ASN B 334 15.68 -21.29 28.20
N ASN B 335 15.93 -22.53 27.82
CA ASN B 335 15.27 -23.73 28.36
C ASN B 335 13.87 -23.92 27.85
N PHE B 336 13.57 -23.35 26.67
CA PHE B 336 12.26 -23.66 26.04
C PHE B 336 12.22 -25.00 25.30
N ASP B 337 11.06 -25.65 25.28
CA ASP B 337 10.88 -26.99 24.71
C ASP B 337 10.51 -26.89 23.24
N VAL B 338 9.90 -25.77 22.81
CA VAL B 338 9.38 -25.63 21.45
C VAL B 338 9.32 -24.15 21.19
N PHE B 339 9.41 -23.80 19.90
CA PHE B 339 9.26 -22.39 19.51
C PHE B 339 8.08 -22.28 18.57
N ASN B 340 7.13 -21.38 18.90
CA ASN B 340 5.84 -21.28 18.26
C ASN B 340 5.80 -20.00 17.47
N ALA B 341 5.26 -20.08 16.29
CA ALA B 341 5.13 -18.87 15.44
C ALA B 341 3.88 -18.91 14.53
N LEU B 342 3.22 -17.75 14.38
CA LEU B 342 2.09 -17.62 13.43
C LEU B 342 2.67 -17.26 12.08
N GLU B 343 2.00 -17.72 11.02
CA GLU B 343 2.27 -17.25 9.66
C GLU B 343 1.84 -15.77 9.41
N VAL B 344 2.36 -14.85 10.23
CA VAL B 344 2.16 -13.42 10.04
C VAL B 344 3.50 -12.77 9.69
N MET B 345 3.44 -11.51 9.24
CA MET B 345 4.62 -10.81 8.82
C MET B 345 5.37 -11.73 7.86
N GLN B 346 6.69 -11.83 8.02
CA GLN B 346 7.48 -12.67 7.12
C GLN B 346 7.73 -14.11 7.60
N ASN B 347 7.07 -14.56 8.66
CA ASN B 347 7.42 -15.83 9.21
C ASN B 347 7.20 -17.02 8.28
N LYS B 348 6.16 -17.04 7.47
CA LYS B 348 5.87 -18.26 6.77
C LYS B 348 7.03 -18.62 5.87
N SER B 349 7.77 -17.59 5.50
CA SER B 349 8.81 -17.72 4.46
C SER B 349 9.96 -18.53 4.98
N VAL B 350 9.99 -18.76 6.29
CA VAL B 350 11.06 -19.56 6.91
C VAL B 350 10.67 -20.94 7.51
N PHE B 351 9.39 -21.29 7.50
CA PHE B 351 8.93 -22.49 8.20
C PHE B 351 9.53 -23.80 7.67
N GLU B 352 9.51 -23.94 6.33
CA GLU B 352 10.02 -25.14 5.65
C GLU B 352 11.55 -25.26 5.85
N ASP B 353 12.35 -24.24 5.57
CA ASP B 353 13.85 -24.37 5.72
C ASP B 353 14.16 -24.60 7.21
N LEU B 354 13.37 -24.02 8.11
CA LEU B 354 13.72 -24.10 9.52
C LEU B 354 13.06 -25.26 10.24
N LYS B 355 12.36 -26.12 9.51
CA LYS B 355 11.90 -27.36 10.07
C LYS B 355 10.75 -27.09 11.03
N PHE B 356 9.92 -26.08 10.72
CA PHE B 356 8.68 -25.88 11.51
C PHE B 356 7.64 -26.91 11.01
N GLY B 357 6.77 -27.40 11.88
CA GLY B 357 5.74 -28.34 11.54
C GLY B 357 4.43 -27.56 11.56
N GLU B 358 3.56 -27.75 10.57
CA GLU B 358 2.20 -27.14 10.61
C GLU B 358 1.34 -27.56 11.80
N GLY B 359 0.70 -26.59 12.45
CA GLY B 359 -0.13 -26.86 13.65
C GLY B 359 -1.59 -27.20 13.30
N ASP B 360 -2.43 -27.48 14.30
CA ASP B 360 -3.86 -27.73 14.09
C ASP B 360 -4.66 -26.45 14.22
N GLY B 361 -5.68 -26.38 13.40
CA GLY B 361 -6.58 -25.21 13.34
C GLY B 361 -5.76 -23.98 13.16
N SER B 362 -6.35 -22.83 13.51
CA SER B 362 -5.72 -21.53 13.26
C SER B 362 -6.24 -20.46 14.22
N LEU B 363 -5.49 -19.37 14.36
CA LEU B 363 -5.91 -18.17 15.10
C LEU B 363 -6.57 -17.15 14.17
N LYS B 364 -7.82 -16.76 14.49
CA LYS B 364 -8.48 -15.73 13.73
C LYS B 364 -8.33 -14.35 14.39
N TYR B 365 -8.14 -13.32 13.56
CA TYR B 365 -8.06 -11.94 14.03
C TYR B 365 -9.39 -11.23 13.77
N TYR B 366 -9.85 -10.44 14.76
CA TYR B 366 -11.14 -9.77 14.73
C TYR B 366 -11.05 -8.31 15.14
N LEU B 367 -11.79 -7.46 14.40
CA LEU B 367 -12.10 -6.12 14.83
C LEU B 367 -13.57 -5.99 15.27
N TYR B 368 -13.81 -5.15 16.27
CA TYR B 368 -15.19 -4.90 16.75
C TYR B 368 -15.56 -3.55 16.26
N ASN B 369 -16.74 -3.43 15.66
CA ASN B 369 -17.22 -2.11 15.13
C ASN B 369 -16.36 -1.45 14.01
N TRP B 370 -15.89 -2.30 13.13
CA TRP B 370 -15.04 -1.90 12.02
C TRP B 370 -15.32 -2.77 10.78
N LYS B 371 -15.57 -2.13 9.64
CA LYS B 371 -15.82 -2.82 8.46
C LYS B 371 -14.69 -2.47 7.47
N CYS B 372 -14.05 -3.53 6.92
CA CYS B 372 -12.91 -3.34 6.02
C CYS B 372 -12.66 -4.65 5.26
N ALA B 373 -11.81 -4.57 4.25
CA ALA B 373 -11.43 -5.76 3.47
C ALA B 373 -10.62 -6.70 4.32
N SER B 374 -10.87 -8.01 4.20
CA SER B 374 -10.01 -9.01 4.87
C SER B 374 -8.75 -9.27 3.99
N PHE B 375 -7.75 -9.96 4.56
CA PHE B 375 -6.45 -10.12 3.88
C PHE B 375 -5.72 -11.30 4.39
N ALA B 376 -4.74 -11.73 3.60
CA ALA B 376 -3.90 -12.89 3.91
C ALA B 376 -3.06 -12.53 5.10
N PRO B 377 -2.65 -13.53 5.90
CA PRO B 377 -1.99 -13.21 7.14
C PRO B 377 -0.56 -12.66 7.01
N ALA B 378 0.07 -12.77 5.84
CA ALA B 378 1.39 -12.17 5.68
C ALA B 378 1.26 -10.64 5.84
N HIS B 379 0.05 -10.12 5.74
CA HIS B 379 -0.15 -8.68 5.91
C HIS B 379 -0.61 -8.30 7.33
N VAL B 380 -0.70 -9.26 8.22
CA VAL B 380 -0.90 -8.99 9.64
C VAL B 380 0.46 -8.61 10.24
N GLY B 381 0.51 -7.50 10.94
CA GLY B 381 1.74 -7.02 11.54
C GLY B 381 1.54 -6.86 13.06
N ILE B 382 0.68 -7.68 13.64
CA ILE B 382 0.49 -7.68 15.15
C ILE B 382 0.34 -9.05 15.72
N VAL B 383 0.87 -9.25 16.92
CA VAL B 383 0.73 -10.51 17.64
C VAL B 383 0.16 -10.18 19.05
N LEU B 384 -1.03 -10.69 19.37
CA LEU B 384 -1.57 -10.46 20.73
C LEU B 384 -1.17 -11.69 21.53
N LEU B 385 -1.24 -11.58 22.84
CA LEU B 385 -0.73 -12.59 23.78
C LEU B 385 -1.61 -13.79 24.00
N ASP C 2 13.84 23.68 -22.66
CA ASP C 2 14.73 23.50 -21.46
C ASP C 2 14.21 24.34 -20.31
N TYR C 3 14.51 23.87 -19.10
CA TYR C 3 14.22 24.53 -17.82
C TYR C 3 15.46 24.29 -16.95
N LYS C 4 16.49 25.09 -17.20
CA LYS C 4 17.82 24.86 -16.67
C LYS C 4 17.89 25.03 -15.16
N PHE C 5 17.10 25.95 -14.61
CA PHE C 5 17.08 26.07 -13.15
C PHE C 5 16.23 24.95 -12.56
N TRP C 6 14.98 24.81 -13.02
CA TRP C 6 14.11 23.72 -12.47
C TRP C 6 14.74 22.31 -12.46
N TYR C 7 15.52 21.99 -13.49
N TYR C 7 15.55 22.03 -13.47
CA TYR C 7 16.22 20.70 -13.62
CA TYR C 7 16.16 20.71 -13.62
C TYR C 7 17.01 20.35 -12.36
C TYR C 7 17.23 20.35 -12.56
N THR C 8 17.69 21.35 -11.81
CA THR C 8 18.58 21.15 -10.67
C THR C 8 17.80 20.94 -9.36
N GLN C 9 16.49 21.28 -9.34
CA GLN C 9 15.61 21.27 -8.15
C GLN C 9 14.86 19.92 -7.98
N PRO C 10 14.49 19.56 -6.71
CA PRO C 10 13.66 18.37 -6.51
C PRO C 10 12.17 18.61 -6.90
N VAL C 11 11.93 18.78 -8.20
CA VAL C 11 10.60 18.76 -8.79
C VAL C 11 10.56 17.75 -9.96
N PRO C 12 9.37 17.45 -10.50
CA PRO C 12 9.39 16.46 -11.60
C PRO C 12 10.10 17.03 -12.81
N LYS C 13 10.65 16.14 -13.64
CA LYS C 13 11.04 16.57 -15.00
C LYS C 13 9.76 16.83 -15.85
N ILE C 14 9.91 17.56 -16.93
CA ILE C 14 8.76 17.96 -17.71
C ILE C 14 7.86 16.83 -18.22
N ASN C 15 8.44 15.69 -18.54
CA ASN C 15 7.61 14.55 -18.98
C ASN C 15 7.37 13.48 -17.92
N ASP C 16 7.82 13.69 -16.67
CA ASP C 16 7.52 12.68 -15.63
C ASP C 16 6.03 12.47 -15.45
N GLU C 17 5.65 11.19 -15.26
CA GLU C 17 4.31 10.83 -14.84
C GLU C 17 4.48 9.82 -13.71
N PHE C 18 3.74 9.99 -12.62
CA PHE C 18 3.88 9.05 -11.52
C PHE C 18 2.60 8.25 -11.35
N ASN C 19 2.73 7.00 -10.89
CA ASN C 19 1.58 6.18 -10.57
C ASN C 19 0.84 6.62 -9.32
N GLU C 20 -0.45 6.29 -9.22
N GLU C 20 -0.43 6.23 -9.28
CA GLU C 20 -1.25 6.81 -8.11
CA GLU C 20 -1.36 6.58 -8.22
C GLU C 20 -0.73 6.31 -6.74
C GLU C 20 -0.79 6.26 -6.83
N SER C 21 -0.06 5.17 -6.72
CA SER C 21 0.48 4.71 -5.43
C SER C 21 1.74 5.45 -5.00
N VAL C 22 2.24 6.40 -5.80
CA VAL C 22 3.49 7.16 -5.44
C VAL C 22 3.07 8.44 -4.69
N ASN C 23 3.55 8.64 -3.47
CA ASN C 23 3.16 9.85 -2.72
C ASN C 23 4.22 10.16 -1.74
N GLU C 24 5.28 10.82 -2.20
CA GLU C 24 6.45 10.94 -1.31
C GLU C 24 7.42 12.07 -1.73
N PRO C 25 8.33 12.47 -0.83
CA PRO C 25 9.27 13.47 -1.33
C PRO C 25 10.21 12.95 -2.46
N PHE C 26 10.73 13.87 -3.31
CA PHE C 26 11.97 13.53 -4.03
C PHE C 26 13.16 13.28 -3.13
N ILE C 27 13.44 14.17 -2.21
CA ILE C 27 14.58 13.98 -1.32
C ILE C 27 14.09 13.95 0.11
N SER C 28 14.47 12.91 0.86
CA SER C 28 14.05 12.75 2.26
C SER C 28 15.29 12.80 3.09
N ASP C 29 15.18 12.57 4.40
CA ASP C 29 16.35 12.61 5.34
C ASP C 29 17.09 13.94 5.32
N ASN C 30 16.35 15.06 5.14
CA ASN C 30 16.96 16.38 5.13
C ASN C 30 17.37 16.82 6.53
N LYS C 31 18.45 17.58 6.64
CA LYS C 31 18.92 17.99 7.99
C LYS C 31 19.10 19.52 8.10
N VAL C 32 18.44 20.18 9.10
CA VAL C 32 18.57 21.62 9.30
C VAL C 32 20.04 22.03 9.50
N GLU C 33 20.77 21.23 10.25
N GLU C 33 20.79 21.17 10.21
CA GLU C 33 22.16 21.49 10.55
CA GLU C 33 22.23 21.37 10.55
C GLU C 33 22.98 21.72 9.25
C GLU C 33 23.10 21.53 9.29
N ASP C 34 22.60 21.04 8.14
CA ASP C 34 23.38 21.11 6.88
C ASP C 34 23.00 22.25 5.98
N VAL C 35 21.86 22.91 6.25
CA VAL C 35 21.45 24.02 5.41
C VAL C 35 22.51 25.15 5.33
N ARG C 36 22.67 25.74 4.14
CA ARG C 36 23.57 26.82 3.97
C ARG C 36 23.22 27.96 4.95
N LYS C 37 24.21 28.51 5.62
CA LYS C 37 23.93 29.57 6.58
C LYS C 37 24.01 30.97 5.97
N ASP C 38 24.49 31.07 4.74
CA ASP C 38 24.75 32.34 4.07
C ASP C 38 23.65 32.65 3.05
N GLU C 39 23.17 33.87 3.09
CA GLU C 39 22.31 34.40 2.01
C GLU C 39 22.96 34.19 0.65
N TYR C 40 22.12 33.95 -0.36
CA TYR C 40 22.57 33.77 -1.73
C TYR C 40 23.07 35.14 -2.22
N LYS C 41 24.11 35.08 -3.07
CA LYS C 41 24.75 36.21 -3.65
C LYS C 41 23.86 36.87 -4.65
N LEU C 42 23.81 38.21 -4.60
CA LEU C 42 23.05 39.07 -5.55
C LEU C 42 24.02 39.83 -6.42
N PRO C 43 23.56 40.35 -7.57
CA PRO C 43 24.54 41.16 -8.28
C PRO C 43 24.97 42.48 -7.58
N PRO C 44 26.10 43.08 -8.03
CA PRO C 44 26.67 44.26 -7.37
C PRO C 44 25.65 45.39 -7.30
N GLY C 45 25.46 45.92 -6.11
CA GLY C 45 24.52 47.01 -5.89
C GLY C 45 23.11 46.58 -5.49
N TYR C 46 22.91 45.25 -5.35
CA TYR C 46 21.61 44.79 -4.91
C TYR C 46 21.78 44.12 -3.54
N SER C 47 20.81 44.35 -2.63
CA SER C 47 20.90 43.82 -1.25
C SER C 47 19.62 43.15 -0.84
N TRP C 48 19.73 42.15 0.04
CA TRP C 48 18.51 41.58 0.63
C TRP C 48 17.92 42.59 1.61
N TYR C 49 16.61 42.58 1.77
CA TYR C 49 15.99 43.49 2.73
C TYR C 49 14.98 42.73 3.57
N VAL C 50 14.94 43.04 4.86
CA VAL C 50 13.95 42.42 5.74
C VAL C 50 12.66 43.22 5.71
N CYS C 51 11.67 42.77 4.89
CA CYS C 51 10.37 43.49 4.81
C CYS C 51 9.56 43.19 6.11
N ASP C 52 9.27 44.22 6.90
CA ASP C 52 8.35 44.09 8.04
C ASP C 52 6.93 44.46 7.55
N VAL C 53 6.11 43.46 7.34
CA VAL C 53 4.81 43.70 6.66
C VAL C 53 3.89 44.48 7.60
N LYS C 54 4.05 44.25 8.93
CA LYS C 54 3.29 45.02 9.95
C LYS C 54 3.65 46.48 10.00
N ASP C 55 4.78 46.86 9.40
CA ASP C 55 5.23 48.23 9.35
C ASP C 55 4.66 48.99 8.12
N GLU C 56 3.90 50.05 8.37
CA GLU C 56 3.20 50.77 7.30
C GLU C 56 4.13 51.15 6.15
N LYS C 57 5.32 51.68 6.48
CA LYS C 57 6.24 52.09 5.45
C LYS C 57 6.72 50.90 4.55
N ASP C 58 7.19 49.82 5.18
CA ASP C 58 7.66 48.62 4.43
C ASP C 58 6.51 48.04 3.59
N ARG C 59 5.32 47.95 4.19
CA ARG C 59 4.15 47.43 3.47
C ARG C 59 3.81 48.27 2.21
N SER C 60 3.88 49.58 2.33
CA SER C 60 3.62 50.42 1.12
C SER C 60 4.63 50.25 0.00
N GLU C 61 5.87 49.88 0.34
CA GLU C 61 6.91 49.62 -0.64
C GLU C 61 6.63 48.37 -1.40
N ILE C 62 6.26 47.30 -0.66
CA ILE C 62 5.76 46.04 -1.30
C ILE C 62 4.54 46.35 -2.19
N TYR C 63 3.59 47.12 -1.68
CA TYR C 63 2.38 47.44 -2.42
C TYR C 63 2.77 48.08 -3.75
N THR C 64 3.68 49.06 -3.72
CA THR C 64 4.00 49.79 -4.93
C THR C 64 4.77 48.88 -5.91
N LEU C 65 5.74 48.15 -5.39
CA LEU C 65 6.41 47.12 -6.22
C LEU C 65 5.41 46.23 -6.99
N LEU C 66 4.49 45.60 -6.27
CA LEU C 66 3.46 44.78 -6.92
C LEU C 66 2.54 45.59 -7.84
N THR C 67 2.04 46.73 -7.39
CA THR C 67 1.17 47.51 -8.26
C THR C 67 1.78 47.77 -9.64
N ASP C 68 3.09 48.04 -9.68
CA ASP C 68 3.79 48.55 -10.88
C ASP C 68 4.30 47.35 -11.69
N ASN C 69 4.54 46.24 -10.99
CA ASN C 69 5.31 45.13 -11.61
C ASN C 69 4.75 43.72 -11.47
N TYR C 70 3.53 43.53 -10.98
CA TYR C 70 3.06 42.13 -10.83
C TYR C 70 2.36 41.58 -12.11
N VAL C 71 1.63 40.46 -11.98
CA VAL C 71 1.04 39.71 -13.14
C VAL C 71 0.19 40.59 -14.06
N GLU C 72 0.52 40.60 -15.34
CA GLU C 72 -0.44 41.12 -16.36
C GLU C 72 -1.03 40.01 -17.20
N ASP C 73 -2.20 40.22 -17.80
CA ASP C 73 -2.72 39.32 -18.88
C ASP C 73 -1.78 39.39 -20.11
N ASP C 74 -1.80 38.41 -21.01
CA ASP C 74 -0.84 38.50 -22.17
C ASP C 74 -1.06 39.66 -23.11
N ASP C 75 -2.24 40.24 -23.13
CA ASP C 75 -2.42 41.43 -23.94
C ASP C 75 -2.08 42.73 -23.24
N ASN C 76 -1.57 42.63 -22.00
CA ASN C 76 -1.16 43.85 -21.30
C ASN C 76 -2.22 44.94 -21.12
N ILE C 77 -3.46 44.52 -20.93
CA ILE C 77 -4.59 45.42 -20.67
C ILE C 77 -4.80 45.64 -19.14
N PHE C 78 -4.50 44.58 -18.38
CA PHE C 78 -4.70 44.59 -16.88
C PHE C 78 -3.46 44.15 -16.08
N ARG C 79 -3.38 44.59 -14.82
CA ARG C 79 -2.31 44.21 -13.89
C ARG C 79 -2.90 44.07 -12.48
N PHE C 80 -2.69 42.93 -11.85
CA PHE C 80 -3.25 42.73 -10.46
C PHE C 80 -2.78 43.78 -9.52
N ASN C 81 -3.68 44.24 -8.69
CA ASN C 81 -3.41 45.33 -7.78
C ASN C 81 -3.88 44.90 -6.38
N TYR C 82 -3.27 43.88 -5.82
CA TYR C 82 -3.45 43.58 -4.38
C TYR C 82 -3.29 44.80 -3.51
N SER C 83 -4.26 45.05 -2.60
CA SER C 83 -4.24 46.25 -1.72
C SER C 83 -3.16 46.07 -0.63
N ALA C 84 -2.70 47.19 -0.06
CA ALA C 84 -1.82 47.13 1.13
C ALA C 84 -2.44 46.30 2.23
N GLU C 85 -3.72 46.55 2.55
CA GLU C 85 -4.41 45.82 3.61
C GLU C 85 -4.51 44.33 3.27
N PHE C 86 -4.70 44.02 2.00
CA PHE C 86 -4.79 42.64 1.52
C PHE C 86 -3.42 42.01 1.77
N LEU C 87 -2.35 42.76 1.48
CA LEU C 87 -0.98 42.15 1.68
C LEU C 87 -0.79 41.82 3.21
N LEU C 88 -1.21 42.72 4.09
CA LEU C 88 -1.10 42.48 5.54
C LEU C 88 -1.76 41.19 5.97
N TRP C 89 -3.01 41.02 5.49
CA TRP C 89 -3.80 39.81 5.75
C TRP C 89 -3.10 38.57 5.16
N ALA C 90 -2.72 38.64 3.88
CA ALA C 90 -2.18 37.46 3.22
C ALA C 90 -0.86 36.97 3.81
N LEU C 91 -0.09 37.85 4.49
CA LEU C 91 1.28 37.55 4.88
C LEU C 91 1.44 37.28 6.37
N THR C 92 0.45 37.64 7.14
CA THR C 92 0.60 37.47 8.62
C THR C 92 -0.34 36.51 9.24
N SER C 93 -0.55 35.37 8.59
CA SER C 93 -1.40 34.33 9.12
C SER C 93 -0.70 33.66 10.31
N PRO C 94 -1.38 32.73 11.00
CA PRO C 94 -0.86 32.25 12.28
C PRO C 94 0.48 31.56 12.17
N ASN C 95 1.37 31.85 13.12
CA ASN C 95 2.76 31.39 13.11
C ASN C 95 3.62 31.80 11.92
N TYR C 96 3.24 32.83 11.17
CA TYR C 96 4.00 33.14 10.00
C TYR C 96 5.46 33.50 10.46
N LEU C 97 6.41 33.40 9.55
CA LEU C 97 7.81 33.76 9.85
C LEU C 97 8.17 35.10 9.20
N LYS C 98 8.70 36.03 10.00
CA LYS C 98 9.23 37.30 9.46
C LYS C 98 10.39 37.12 8.48
N THR C 99 11.16 36.06 8.69
CA THR C 99 12.26 35.69 7.78
C THR C 99 11.76 35.29 6.41
N TRP C 100 10.47 34.94 6.30
CA TRP C 100 9.99 34.51 4.94
C TRP C 100 9.35 35.65 4.11
N HIS C 101 9.54 36.89 4.53
CA HIS C 101 9.01 38.07 3.79
C HIS C 101 10.26 38.75 3.24
N ILE C 102 10.61 38.47 1.98
CA ILE C 102 11.96 38.73 1.51
C ILE C 102 11.98 39.77 0.43
N GLY C 103 12.70 40.85 0.71
CA GLY C 103 12.86 41.90 -0.31
C GLY C 103 14.20 42.00 -0.94
N VAL C 104 14.29 42.58 -2.15
CA VAL C 104 15.57 42.91 -2.72
C VAL C 104 15.51 44.39 -3.05
N LYS C 105 16.51 45.13 -2.58
CA LYS C 105 16.66 46.56 -2.96
C LYS C 105 17.82 46.83 -3.89
N TYR C 106 17.67 47.89 -4.67
CA TYR C 106 18.80 48.43 -5.35
C TYR C 106 19.39 49.50 -4.48
N ASP C 107 20.69 49.40 -4.18
CA ASP C 107 21.31 50.35 -3.25
C ASP C 107 21.34 51.81 -3.72
N ALA C 108 21.38 52.04 -5.04
CA ALA C 108 21.48 53.37 -5.65
C ALA C 108 20.25 54.25 -5.29
N SER C 109 19.07 53.62 -5.29
CA SER C 109 17.79 54.30 -5.07
C SER C 109 17.21 53.99 -3.73
N ASN C 110 17.73 52.97 -3.07
CA ASN C 110 17.06 52.45 -1.90
C ASN C 110 15.57 52.01 -2.08
N LYS C 111 15.22 51.54 -3.26
CA LYS C 111 13.88 51.09 -3.56
C LYS C 111 13.81 49.56 -3.79
N LEU C 112 12.61 48.99 -3.59
CA LEU C 112 12.43 47.53 -3.67
C LEU C 112 12.41 47.21 -5.12
N ILE C 113 13.22 46.25 -5.57
CA ILE C 113 13.08 45.82 -6.95
C ILE C 113 12.69 44.36 -7.00
N GLY C 114 12.49 43.68 -5.85
CA GLY C 114 12.23 42.28 -5.96
C GLY C 114 11.60 41.85 -4.66
N PHE C 115 10.80 40.79 -4.73
CA PHE C 115 10.10 40.29 -3.52
C PHE C 115 9.73 38.83 -3.68
N ILE C 116 9.66 38.04 -2.59
CA ILE C 116 9.02 36.74 -2.62
C ILE C 116 8.63 36.48 -1.16
N SER C 117 7.59 35.69 -0.94
CA SER C 117 7.10 35.45 0.41
C SER C 117 6.60 34.05 0.49
N ALA C 118 6.44 33.58 1.73
CA ALA C 118 5.75 32.34 1.96
C ALA C 118 5.19 32.40 3.41
N ILE C 119 4.19 31.56 3.66
CA ILE C 119 3.61 31.37 5.01
C ILE C 119 3.47 29.86 5.23
N PRO C 120 3.56 29.39 6.51
CA PRO C 120 3.45 27.96 6.81
C PRO C 120 1.99 27.46 6.91
N THR C 121 1.76 26.25 6.46
CA THR C 121 0.48 25.58 6.71
C THR C 121 0.59 24.09 6.48
N ASP C 122 -0.28 23.31 7.14
CA ASP C 122 -0.35 21.88 6.93
C ASP C 122 -1.13 21.60 5.65
N ILE C 123 -0.51 20.85 4.77
CA ILE C 123 -1.12 20.55 3.53
C ILE C 123 -1.31 19.06 3.44
N CYS C 124 -2.55 18.63 3.25
CA CYS C 124 -2.83 17.21 2.98
C CYS C 124 -2.79 16.90 1.47
N ILE C 125 -1.88 16.06 1.04
CA ILE C 125 -1.77 15.65 -0.38
C ILE C 125 -1.96 14.12 -0.41
N HIS C 126 -2.99 13.64 -1.12
CA HIS C 126 -3.23 12.19 -1.27
C HIS C 126 -3.26 11.53 0.12
N LYS C 127 -3.99 12.11 1.06
CA LYS C 127 -4.04 11.55 2.44
C LYS C 127 -2.74 11.53 3.28
N ARG C 128 -1.71 12.28 2.90
CA ARG C 128 -0.59 12.47 3.80
C ARG C 128 -0.49 13.93 4.11
N THR C 129 -0.42 14.24 5.37
CA THR C 129 -0.43 15.64 5.79
C THR C 129 0.99 16.05 6.08
N ILE C 130 1.45 17.03 5.33
CA ILE C 130 2.84 17.52 5.43
C ILE C 130 2.88 19.00 5.80
N LYS C 131 3.87 19.44 6.60
CA LYS C 131 3.98 20.84 6.97
C LYS C 131 4.62 21.49 5.77
N MET C 132 3.96 22.50 5.21
CA MET C 132 4.52 23.09 3.98
C MET C 132 4.66 24.59 4.02
N ALA C 133 5.50 25.12 3.11
CA ALA C 133 5.48 26.56 2.78
C ALA C 133 4.58 26.90 1.60
N GLU C 134 3.79 27.98 1.71
CA GLU C 134 2.87 28.35 0.64
C GLU C 134 3.50 29.63 0.08
N VAL C 135 4.07 29.54 -1.11
CA VAL C 135 4.90 30.62 -1.64
C VAL C 135 4.06 31.51 -2.54
N ASN C 136 4.25 32.85 -2.50
CA ASN C 136 3.40 33.76 -3.26
C ASN C 136 4.06 35.11 -3.49
N PHE C 137 3.57 35.88 -4.47
CA PHE C 137 4.01 37.23 -4.66
C PHE C 137 5.48 37.37 -5.10
N LEU C 138 6.03 36.34 -5.75
CA LEU C 138 7.34 36.48 -6.37
C LEU C 138 7.22 37.62 -7.45
N CYS C 139 8.12 38.57 -7.38
CA CYS C 139 8.03 39.72 -8.28
C CYS C 139 9.39 40.29 -8.54
N VAL C 140 9.79 40.47 -9.82
CA VAL C 140 11.00 41.20 -10.16
C VAL C 140 10.59 42.42 -11.02
N HIS C 141 11.21 43.58 -10.74
CA HIS C 141 10.92 44.87 -11.39
C HIS C 141 10.96 44.65 -12.89
N LYS C 142 10.01 45.23 -13.63
CA LYS C 142 9.99 45.13 -15.13
C LYS C 142 11.30 45.42 -15.84
N THR C 143 12.08 46.35 -15.34
CA THR C 143 13.32 46.72 -15.96
C THR C 143 14.42 45.74 -15.61
N LEU C 144 14.20 44.82 -14.66
CA LEU C 144 15.27 43.84 -14.35
C LEU C 144 14.89 42.43 -14.81
N ARG C 145 14.09 42.31 -15.87
CA ARG C 145 13.62 40.99 -16.27
C ARG C 145 14.65 40.16 -17.03
N SER C 146 14.49 38.83 -16.97
CA SER C 146 15.35 37.91 -17.73
C SER C 146 16.83 37.96 -17.36
N LYS C 147 17.15 38.31 -16.12
CA LYS C 147 18.53 38.36 -15.63
C LYS C 147 18.82 37.24 -14.60
N ARG C 148 17.94 36.23 -14.57
CA ARG C 148 18.12 35.16 -13.65
C ARG C 148 18.09 35.69 -12.20
N LEU C 149 17.31 36.73 -11.89
CA LEU C 149 17.09 37.06 -10.44
C LEU C 149 16.12 36.12 -9.73
N ALA C 150 15.15 35.64 -10.50
CA ALA C 150 14.05 34.86 -9.86
C ALA C 150 14.60 33.57 -9.23
N PRO C 151 15.50 32.88 -9.93
CA PRO C 151 16.02 31.74 -9.23
C PRO C 151 16.80 32.09 -7.93
N VAL C 152 17.45 33.26 -7.85
CA VAL C 152 18.09 33.69 -6.57
C VAL C 152 17.04 33.83 -5.46
N LEU C 153 15.98 34.54 -5.81
CA LEU C 153 14.86 34.69 -4.90
C LEU C 153 14.31 33.32 -4.44
N ILE C 154 14.13 32.37 -5.37
CA ILE C 154 13.57 31.09 -5.00
C ILE C 154 14.54 30.31 -4.11
N LYS C 155 15.83 30.30 -4.49
CA LYS C 155 16.84 29.59 -3.71
C LYS C 155 16.95 30.13 -2.22
N GLU C 156 16.92 31.46 -2.07
CA GLU C 156 17.05 32.05 -0.78
C GLU C 156 15.81 31.73 0.09
N ILE C 157 14.64 31.86 -0.52
CA ILE C 157 13.46 31.53 0.27
C ILE C 157 13.47 30.05 0.71
N THR C 158 14.00 29.19 -0.17
CA THR C 158 14.04 27.79 0.14
C THR C 158 14.94 27.56 1.37
N ARG C 159 16.14 28.14 1.32
CA ARG C 159 17.11 28.10 2.41
C ARG C 159 16.48 28.47 3.75
N ARG C 160 15.78 29.61 3.77
CA ARG C 160 15.13 30.12 4.97
C ARG C 160 13.92 29.23 5.41
N ILE C 161 13.27 28.59 4.43
CA ILE C 161 12.21 27.66 4.81
C ILE C 161 12.88 26.40 5.35
N ASN C 162 13.99 25.96 4.75
CA ASN C 162 14.62 24.77 5.32
C ASN C 162 15.12 24.94 6.73
N LEU C 163 15.52 26.17 7.07
CA LEU C 163 15.89 26.48 8.48
C LEU C 163 14.78 26.25 9.52
N GLU C 164 13.54 26.16 9.04
CA GLU C 164 12.37 25.85 9.87
C GLU C 164 12.05 24.28 9.84
N ASN C 165 12.99 23.50 9.32
CA ASN C 165 12.80 22.08 9.12
C ASN C 165 11.59 21.79 8.25
N ILE C 166 11.43 22.52 7.14
CA ILE C 166 10.27 22.39 6.25
C ILE C 166 10.93 22.25 4.88
N TRP C 167 10.45 21.25 4.14
CA TRP C 167 11.19 20.67 3.01
C TRP C 167 10.28 20.51 1.81
N GLN C 168 9.00 20.87 1.99
CA GLN C 168 7.97 20.93 0.89
C GLN C 168 7.34 22.32 0.79
N ALA C 169 6.85 22.71 -0.41
CA ALA C 169 6.07 23.95 -0.63
C ALA C 169 5.00 23.70 -1.68
N ILE C 170 3.97 24.56 -1.70
CA ILE C 170 2.92 24.54 -2.67
C ILE C 170 2.94 25.94 -3.24
N TYR C 171 2.70 26.04 -4.53
CA TYR C 171 2.66 27.32 -5.22
C TYR C 171 1.74 27.19 -6.46
N THR C 172 1.28 28.31 -6.97
CA THR C 172 0.47 28.31 -8.24
C THR C 172 1.05 29.31 -9.20
N ALA C 173 0.86 29.09 -10.49
CA ALA C 173 1.26 30.09 -11.49
C ALA C 173 0.42 29.89 -12.72
N GLY C 174 0.31 30.93 -13.52
CA GLY C 174 -0.32 30.84 -14.84
C GLY C 174 0.58 30.18 -15.90
N VAL C 175 1.89 30.38 -15.78
CA VAL C 175 2.91 29.74 -16.66
C VAL C 175 3.05 28.24 -16.45
N TYR C 176 3.35 27.53 -17.54
CA TYR C 176 3.56 26.07 -17.47
C TYR C 176 5.00 25.81 -17.14
N LEU C 177 5.25 25.09 -16.03
CA LEU C 177 6.54 24.82 -15.45
C LEU C 177 6.57 23.34 -15.07
N PRO C 178 7.78 22.81 -14.78
CA PRO C 178 7.88 21.41 -14.32
C PRO C 178 7.42 21.32 -12.90
N LYS C 179 6.36 20.54 -12.60
CA LYS C 179 5.30 20.04 -13.50
C LYS C 179 4.01 20.15 -12.71
N PRO C 180 2.91 20.63 -13.35
CA PRO C 180 1.67 20.71 -12.52
C PRO C 180 1.27 19.40 -11.82
N VAL C 181 0.72 19.52 -10.62
N VAL C 181 0.77 19.51 -10.59
CA VAL C 181 0.04 18.37 -10.03
CA VAL C 181 0.04 18.37 -9.99
C VAL C 181 -1.43 18.47 -10.37
C VAL C 181 -1.43 18.47 -10.38
N SER C 182 -1.89 19.69 -10.66
CA SER C 182 -3.22 19.89 -11.21
C SER C 182 -3.28 21.16 -12.08
N ASP C 183 -4.30 21.27 -12.92
CA ASP C 183 -4.48 22.46 -13.79
C ASP C 183 -5.94 22.88 -13.69
N ALA C 184 -6.23 24.14 -13.36
CA ALA C 184 -7.63 24.56 -13.19
C ALA C 184 -7.95 25.81 -14.02
N ARG C 185 -8.79 25.65 -15.02
CA ARG C 185 -9.29 26.78 -15.80
C ARG C 185 -10.04 27.74 -14.90
N TYR C 186 -9.95 29.02 -15.29
CA TYR C 186 -10.65 30.15 -14.68
C TYR C 186 -11.94 30.43 -15.42
N TYR C 187 -12.98 30.76 -14.67
CA TYR C 187 -14.24 31.18 -15.23
C TYR C 187 -14.64 32.45 -14.54
N HIS C 188 -15.50 33.24 -15.20
CA HIS C 188 -15.89 34.55 -14.75
CA HIS C 188 -15.95 34.50 -14.65
C HIS C 188 -17.41 34.73 -14.91
N ARG C 189 -18.07 35.38 -13.95
CA ARG C 189 -19.49 35.72 -14.15
C ARG C 189 -19.63 37.22 -14.11
N SER C 190 -20.02 37.86 -15.21
CA SER C 190 -20.02 39.30 -15.19
C SER C 190 -21.12 39.78 -14.31
N ILE C 191 -20.87 40.89 -13.64
CA ILE C 191 -21.85 41.59 -12.84
C ILE C 191 -22.08 42.96 -13.47
N ASN C 192 -21.05 43.77 -13.61
CA ASN C 192 -21.20 45.09 -14.30
C ASN C 192 -20.86 44.98 -15.77
N VAL C 193 -21.88 44.55 -16.50
CA VAL C 193 -21.73 44.10 -17.85
C VAL C 193 -21.20 45.20 -18.71
N LYS C 194 -21.82 46.37 -18.56
CA LYS C 194 -21.51 47.55 -19.33
C LYS C 194 -20.00 47.81 -19.25
N LYS C 195 -19.49 47.77 -18.03
CA LYS C 195 -18.06 48.07 -17.74
C LYS C 195 -17.15 46.98 -18.34
N LEU C 196 -17.51 45.71 -18.15
CA LEU C 196 -16.64 44.62 -18.60
C LEU C 196 -16.46 44.66 -20.14
N ILE C 197 -17.54 45.01 -20.79
CA ILE C 197 -17.53 45.22 -22.26
C ILE C 197 -16.60 46.39 -22.62
N GLU C 198 -16.85 47.56 -22.03
CA GLU C 198 -16.09 48.75 -22.38
C GLU C 198 -14.59 48.52 -22.30
N ILE C 199 -14.10 48.02 -21.18
CA ILE C 199 -12.67 47.68 -20.98
C ILE C 199 -12.11 46.45 -21.70
N GLY C 200 -12.95 45.67 -22.41
CA GLY C 200 -12.55 44.45 -23.15
C GLY C 200 -12.07 43.31 -22.26
N PHE C 201 -12.76 43.12 -21.14
CA PHE C 201 -12.47 42.03 -20.22
C PHE C 201 -12.72 40.65 -20.88
N ARG C 218 -29.81 41.88 -14.85
CA ARG C 218 -30.94 40.99 -14.51
C ARG C 218 -30.59 39.94 -13.42
N VAL C 219 -30.17 40.42 -12.26
CA VAL C 219 -29.89 39.60 -11.10
C VAL C 219 -30.95 39.98 -10.07
N GLU C 220 -31.66 39.01 -9.50
CA GLU C 220 -32.67 39.24 -8.42
C GLU C 220 -32.01 39.48 -7.04
N ASP C 221 -32.43 40.53 -6.36
CA ASP C 221 -31.72 41.03 -5.23
C ASP C 221 -32.32 40.34 -3.98
N THR C 222 -32.56 39.04 -4.09
CA THR C 222 -33.04 38.23 -2.96
C THR C 222 -32.24 36.96 -2.84
N LEU C 223 -31.75 36.67 -1.63
CA LEU C 223 -30.99 35.44 -1.36
C LEU C 223 -31.86 34.17 -1.35
N ASN C 224 -31.32 33.09 -1.88
CA ASN C 224 -31.93 31.79 -1.71
C ASN C 224 -31.90 31.32 -0.26
N ILE C 225 -30.82 31.70 0.42
CA ILE C 225 -30.60 31.23 1.81
C ILE C 225 -30.75 32.53 2.62
N LYS C 226 -31.97 32.81 3.08
CA LYS C 226 -32.30 34.18 3.55
C LYS C 226 -31.43 34.71 4.66
N ASN C 227 -30.95 33.79 5.52
CA ASN C 227 -30.29 34.24 6.73
C ASN C 227 -28.74 34.30 6.59
N MET C 228 -28.19 34.22 5.39
CA MET C 228 -26.72 34.46 5.14
C MET C 228 -26.24 35.80 5.70
N ARG C 229 -25.30 35.79 6.68
CA ARG C 229 -24.82 37.01 7.32
C ARG C 229 -23.31 37.01 7.47
N LEU C 230 -22.72 38.19 7.70
CA LEU C 230 -21.28 38.25 7.93
C LEU C 230 -20.87 37.37 9.10
N MET C 231 -19.77 36.63 8.90
CA MET C 231 -19.29 35.74 9.96
C MET C 231 -18.75 36.59 11.11
N LYS C 232 -18.94 36.08 12.33
CA LYS C 232 -18.47 36.72 13.53
CA LYS C 232 -18.46 36.72 13.52
C LYS C 232 -17.54 35.77 14.34
N LYS C 233 -16.74 36.32 15.27
CA LYS C 233 -15.78 35.48 15.97
C LYS C 233 -16.52 34.26 16.61
N LYS C 234 -17.75 34.44 17.09
CA LYS C 234 -18.51 33.30 17.67
C LYS C 234 -18.74 32.16 16.68
N ASP C 235 -18.68 32.45 15.38
CA ASP C 235 -18.91 31.38 14.37
C ASP C 235 -17.65 30.55 14.04
N VAL C 236 -16.48 30.92 14.58
CA VAL C 236 -15.24 30.22 14.17
C VAL C 236 -15.31 28.69 14.37
N GLU C 237 -15.73 28.23 15.56
CA GLU C 237 -15.82 26.80 15.83
C GLU C 237 -16.72 26.11 14.78
N GLY C 238 -17.87 26.74 14.52
CA GLY C 238 -18.85 26.18 13.59
C GLY C 238 -18.25 26.11 12.17
N VAL C 239 -17.62 27.20 11.71
CA VAL C 239 -17.01 27.22 10.35
C VAL C 239 -15.87 26.18 10.29
N HIS C 240 -15.03 26.09 11.34
CA HIS C 240 -13.98 25.05 11.39
C HIS C 240 -14.48 23.60 11.17
N LYS C 241 -15.59 23.28 11.82
CA LYS C 241 -16.16 21.94 11.72
C LYS C 241 -16.77 21.76 10.32
N LEU C 242 -17.57 22.72 9.87
CA LEU C 242 -18.14 22.66 8.52
C LEU C 242 -17.10 22.56 7.38
N LEU C 243 -16.12 23.47 7.37
CA LEU C 243 -15.17 23.44 6.28
C LEU C 243 -14.22 22.29 6.48
N GLY C 244 -13.79 22.02 7.71
CA GLY C 244 -12.74 20.93 7.90
C GLY C 244 -13.28 19.56 7.44
N SER C 245 -14.55 19.28 7.71
CA SER C 245 -15.18 18.00 7.31
C SER C 245 -15.25 17.99 5.81
N TYR C 246 -15.71 19.09 5.24
CA TYR C 246 -15.92 19.17 3.78
C TYR C 246 -14.61 18.91 3.00
N LEU C 247 -13.48 19.45 3.45
CA LEU C 247 -12.26 19.37 2.63
C LEU C 247 -11.61 18.00 2.58
N GLU C 248 -11.98 17.12 3.55
CA GLU C 248 -11.33 15.83 3.66
C GLU C 248 -11.52 14.98 2.44
N GLN C 249 -12.59 15.25 1.72
CA GLN C 249 -12.83 14.53 0.47
C GLN C 249 -11.83 14.84 -0.64
N PHE C 250 -10.95 15.86 -0.50
CA PHE C 250 -10.17 16.29 -1.68
C PHE C 250 -8.77 15.67 -1.71
N ASN C 251 -8.12 15.67 -2.88
N ASN C 251 -8.11 15.70 -2.88
CA ASN C 251 -6.77 15.09 -2.98
CA ASN C 251 -6.76 15.14 -3.00
C ASN C 251 -5.69 16.11 -2.61
C ASN C 251 -5.70 16.11 -2.56
N LEU C 252 -6.09 17.38 -2.41
CA LEU C 252 -5.13 18.42 -2.06
C LEU C 252 -5.86 19.46 -1.27
N TYR C 253 -5.45 19.67 -0.02
CA TYR C 253 -6.17 20.70 0.78
C TYR C 253 -5.38 21.14 1.99
N ALA C 254 -5.65 22.37 2.49
CA ALA C 254 -5.03 22.83 3.74
C ALA C 254 -5.79 22.24 4.95
N VAL C 255 -5.06 21.80 5.94
CA VAL C 255 -5.76 21.25 7.13
C VAL C 255 -5.77 22.44 8.14
N PHE C 256 -6.86 23.21 8.11
CA PHE C 256 -7.01 24.41 8.91
C PHE C 256 -7.11 24.11 10.42
N THR C 257 -6.33 24.85 11.23
CA THR C 257 -6.57 24.93 12.67
C THR C 257 -7.65 25.96 12.92
N LYS C 258 -8.22 25.96 14.12
CA LYS C 258 -9.19 26.98 14.53
C LYS C 258 -8.61 28.44 14.38
N GLU C 259 -7.34 28.61 14.68
N GLU C 259 -7.33 28.58 14.73
CA GLU C 259 -6.79 29.92 14.62
CA GLU C 259 -6.62 29.85 14.64
C GLU C 259 -6.67 30.34 13.16
C GLU C 259 -6.66 30.31 13.19
N GLU C 260 -6.43 29.37 12.29
CA GLU C 260 -6.33 29.63 10.84
C GLU C 260 -7.70 29.98 10.27
N ILE C 261 -8.70 29.25 10.74
CA ILE C 261 -10.07 29.59 10.39
C ILE C 261 -10.39 31.07 10.78
N ALA C 262 -10.10 31.46 12.03
CA ALA C 262 -10.28 32.85 12.41
C ALA C 262 -9.57 33.87 11.44
N HIS C 263 -8.29 33.62 11.13
CA HIS C 263 -7.51 34.52 10.31
C HIS C 263 -7.99 34.53 8.87
N TRP C 264 -8.15 33.33 8.28
CA TRP C 264 -8.54 33.24 6.90
C TRP C 264 -10.01 33.65 6.52
N PHE C 265 -10.96 33.62 7.47
CA PHE C 265 -12.35 33.87 7.13
C PHE C 265 -12.99 35.03 7.84
N LEU C 266 -12.47 35.48 9.00
CA LEU C 266 -13.19 36.64 9.64
C LEU C 266 -13.09 37.88 8.71
N PRO C 267 -14.24 38.58 8.51
CA PRO C 267 -14.32 39.51 7.40
C PRO C 267 -13.48 40.75 7.62
N ILE C 268 -12.85 41.22 6.56
CA ILE C 268 -12.14 42.45 6.56
C ILE C 268 -12.62 43.15 5.25
N GLU C 269 -13.19 44.38 5.38
CA GLU C 269 -13.77 45.14 4.26
C GLU C 269 -12.73 45.28 3.15
N ASN C 270 -13.12 45.01 1.90
CA ASN C 270 -12.24 45.14 0.72
C ASN C 270 -11.09 44.11 0.65
N VAL C 271 -11.15 43.12 1.56
CA VAL C 271 -10.14 42.06 1.52
C VAL C 271 -10.80 40.69 1.45
N ILE C 272 -11.50 40.35 2.52
CA ILE C 272 -12.06 39.00 2.68
C ILE C 272 -13.52 39.08 3.13
N TYR C 273 -14.40 38.34 2.47
CA TYR C 273 -15.87 38.40 2.82
C TYR C 273 -16.33 36.98 3.07
N THR C 274 -16.86 36.69 4.25
CA THR C 274 -17.34 35.34 4.59
C THR C 274 -18.73 35.48 5.18
N TYR C 275 -19.66 34.67 4.71
CA TYR C 275 -21.07 34.77 5.12
C TYR C 275 -21.44 33.41 5.56
N VAL C 276 -22.20 33.33 6.65
CA VAL C 276 -22.60 32.03 7.25
C VAL C 276 -24.12 31.96 7.35
N ASN C 277 -24.66 30.73 7.30
CA ASN C 277 -26.07 30.48 7.63
C ASN C 277 -26.12 29.67 8.94
N GLU C 278 -26.60 30.30 10.01
CA GLU C 278 -26.74 29.64 11.32
C GLU C 278 -28.19 29.17 11.50
N GLU C 279 -28.38 27.87 11.68
CA GLU C 279 -29.71 27.32 11.81
C GLU C 279 -29.65 26.52 13.10
N ASN C 280 -30.40 26.98 14.11
CA ASN C 280 -30.52 26.27 15.37
C ASN C 280 -29.18 25.92 16.03
N GLY C 281 -28.37 26.92 16.35
CA GLY C 281 -27.06 26.72 16.95
C GLY C 281 -25.90 26.38 16.01
N LYS C 282 -26.20 25.81 14.84
CA LYS C 282 -25.15 25.22 14.01
C LYS C 282 -24.87 26.04 12.72
N ILE C 283 -23.60 26.24 12.36
CA ILE C 283 -23.29 26.76 10.99
C ILE C 283 -23.50 25.69 9.93
N LYS C 284 -24.52 25.85 9.11
CA LYS C 284 -24.90 24.84 8.15
C LYS C 284 -24.40 25.11 6.72
N ASP C 285 -24.18 26.36 6.39
CA ASP C 285 -23.71 26.78 5.08
C ASP C 285 -22.68 27.96 5.20
N MET C 286 -21.77 28.13 4.20
CA MET C 286 -20.86 29.25 4.20
C MET C 286 -20.54 29.66 2.78
N ILE C 287 -20.32 30.94 2.63
CA ILE C 287 -19.85 31.54 1.35
C ILE C 287 -18.62 32.39 1.67
N SER C 288 -17.55 32.24 0.88
CA SER C 288 -16.51 33.25 0.97
C SER C 288 -15.86 33.61 -0.37
N PHE C 289 -15.35 34.85 -0.42
CA PHE C 289 -14.67 35.41 -1.58
C PHE C 289 -13.72 36.53 -1.14
N TYR C 290 -12.62 36.71 -1.87
CA TYR C 290 -11.64 37.71 -1.51
C TYR C 290 -11.61 38.77 -2.56
N SER C 291 -11.09 39.93 -2.18
CA SER C 291 -11.09 41.09 -3.09
C SER C 291 -9.69 41.22 -3.72
N LEU C 292 -9.63 41.19 -5.06
CA LEU C 292 -8.34 41.38 -5.74
C LEU C 292 -8.68 42.24 -6.98
N PRO C 293 -8.49 43.53 -6.85
CA PRO C 293 -8.64 44.41 -8.01
C PRO C 293 -7.60 44.27 -9.10
N SER C 294 -7.90 44.81 -10.31
CA SER C 294 -6.86 44.81 -11.34
C SER C 294 -6.79 46.19 -11.86
N GLN C 295 -5.58 46.63 -12.11
CA GLN C 295 -5.42 48.00 -12.52
C GLN C 295 -5.63 47.87 -14.07
N ILE C 296 -6.44 48.78 -14.64
CA ILE C 296 -6.81 48.75 -16.04
C ILE C 296 -5.75 49.64 -16.69
N LEU C 297 -4.98 49.07 -17.60
CA LEU C 297 -3.85 49.85 -18.04
C LEU C 297 -4.23 50.52 -19.34
N GLY C 298 -3.91 51.79 -19.48
CA GLY C 298 -4.11 52.44 -20.79
C GLY C 298 -5.57 52.59 -21.20
N ASN C 299 -6.47 52.59 -20.22
CA ASN C 299 -7.84 52.95 -20.48
C ASN C 299 -8.06 54.26 -19.80
N ASP C 300 -8.39 55.27 -20.58
CA ASP C 300 -8.62 56.60 -20.03
C ASP C 300 -10.06 56.85 -19.46
N LYS C 301 -10.99 55.90 -19.61
CA LYS C 301 -12.31 56.01 -18.94
C LYS C 301 -12.40 55.32 -17.52
N TYR C 302 -11.73 54.19 -17.36
CA TYR C 302 -11.82 53.42 -16.06
C TYR C 302 -10.42 53.03 -15.62
N SER C 303 -10.12 53.16 -14.33
CA SER C 303 -8.77 52.83 -13.94
C SER C 303 -8.64 51.49 -13.17
N THR C 304 -9.75 51.02 -12.58
CA THR C 304 -9.72 49.81 -11.71
C THR C 304 -10.87 48.86 -11.99
N LEU C 305 -10.60 47.56 -12.14
CA LEU C 305 -11.63 46.55 -12.20
C LEU C 305 -11.78 45.90 -10.78
N ASN C 306 -12.96 45.98 -10.20
CA ASN C 306 -13.17 45.39 -8.85
C ASN C 306 -13.66 43.96 -8.97
N ALA C 307 -12.84 42.98 -8.59
CA ALA C 307 -13.11 41.58 -8.88
C ALA C 307 -13.23 40.88 -7.54
N ALA C 308 -14.24 40.07 -7.41
CA ALA C 308 -14.30 39.18 -6.24
C ALA C 308 -13.89 37.78 -6.74
N TYR C 309 -13.20 37.02 -5.88
CA TYR C 309 -12.72 35.69 -6.28
C TYR C 309 -13.23 34.67 -5.31
N SER C 310 -13.94 33.64 -5.81
CA SER C 310 -14.41 32.55 -4.94
C SER C 310 -13.25 31.94 -4.17
N PHE C 311 -13.51 31.66 -2.88
CA PHE C 311 -12.54 31.14 -1.96
C PHE C 311 -13.05 29.73 -1.50
N TYR C 312 -13.82 29.71 -0.40
CA TYR C 312 -14.43 28.45 0.09
C TYR C 312 -15.94 28.53 0.27
N ASN C 313 -16.66 27.55 -0.27
CA ASN C 313 -18.14 27.55 -0.34
C ASN C 313 -18.68 26.16 0.03
N VAL C 314 -19.46 26.10 1.10
CA VAL C 314 -19.97 24.80 1.57
C VAL C 314 -21.47 24.94 1.79
N THR C 315 -22.25 23.99 1.26
CA THR C 315 -23.71 23.98 1.57
C THR C 315 -24.23 22.59 1.99
N THR C 316 -24.98 22.61 3.07
CA THR C 316 -25.68 21.44 3.57
C THR C 316 -27.19 21.66 3.66
N THR C 317 -27.72 22.86 3.47
CA THR C 317 -29.20 22.96 3.48
C THR C 317 -29.74 23.37 2.11
N ALA C 318 -28.88 23.58 1.12
CA ALA C 318 -29.32 24.06 -0.20
C ALA C 318 -28.57 23.31 -1.30
N THR C 319 -28.81 23.71 -2.56
CA THR C 319 -27.97 23.15 -3.63
C THR C 319 -26.72 24.02 -3.81
N PHE C 320 -25.68 23.40 -4.36
CA PHE C 320 -24.46 24.14 -4.58
C PHE C 320 -24.75 25.24 -5.63
N LYS C 321 -25.70 24.97 -6.52
CA LYS C 321 -26.08 26.04 -7.45
C LYS C 321 -26.72 27.22 -6.70
N GLN C 322 -27.62 26.94 -5.75
CA GLN C 322 -28.32 28.01 -5.06
C GLN C 322 -27.31 28.80 -4.19
N LEU C 323 -26.38 28.10 -3.60
CA LEU C 323 -25.32 28.68 -2.81
C LEU C 323 -24.44 29.63 -3.62
N MET C 324 -23.97 29.17 -4.77
CA MET C 324 -23.09 30.03 -5.58
C MET C 324 -23.86 31.20 -6.20
N GLN C 325 -25.14 30.98 -6.44
CA GLN C 325 -25.98 32.05 -6.87
C GLN C 325 -26.05 33.14 -5.83
N ASP C 326 -26.26 32.74 -4.56
CA ASP C 326 -26.16 33.69 -3.44
C ASP C 326 -24.74 34.32 -3.34
N ALA C 327 -23.69 33.55 -3.68
CA ALA C 327 -22.35 34.16 -3.60
C ALA C 327 -22.21 35.29 -4.65
N ILE C 328 -22.75 35.10 -5.84
CA ILE C 328 -22.76 36.16 -6.86
C ILE C 328 -23.54 37.40 -6.40
N LEU C 329 -24.78 37.21 -5.95
CA LEU C 329 -25.56 38.33 -5.42
C LEU C 329 -24.80 39.15 -4.37
N LEU C 330 -24.21 38.44 -3.38
CA LEU C 330 -23.43 39.05 -2.32
C LEU C 330 -22.25 39.86 -2.88
N ALA C 331 -21.50 39.25 -3.80
CA ALA C 331 -20.48 40.02 -4.56
C ALA C 331 -21.11 41.29 -5.18
N LYS C 332 -22.29 41.12 -5.79
CA LYS C 332 -22.94 42.26 -6.50
C LYS C 332 -23.27 43.33 -5.46
N ARG C 333 -23.79 42.91 -4.28
CA ARG C 333 -24.20 43.87 -3.24
C ARG C 333 -23.02 44.62 -2.68
N ASN C 334 -21.86 44.02 -2.79
CA ASN C 334 -20.64 44.66 -2.35
C ASN C 334 -19.82 45.36 -3.47
N ASN C 335 -20.49 45.67 -4.56
CA ASN C 335 -19.99 46.59 -5.54
C ASN C 335 -18.90 45.96 -6.46
N PHE C 336 -18.87 44.64 -6.56
CA PHE C 336 -17.89 44.02 -7.43
C PHE C 336 -18.36 44.00 -8.85
N ASP C 337 -17.43 44.17 -9.81
CA ASP C 337 -17.79 44.17 -11.21
C ASP C 337 -17.87 42.77 -11.81
N VAL C 338 -17.14 41.81 -11.23
CA VAL C 338 -17.13 40.45 -11.76
C VAL C 338 -16.87 39.48 -10.60
N PHE C 339 -17.30 38.23 -10.81
CA PHE C 339 -17.04 37.17 -9.83
C PHE C 339 -16.30 36.07 -10.52
N ASN C 340 -15.02 35.85 -10.13
CA ASN C 340 -14.18 34.75 -10.66
C ASN C 340 -14.14 33.48 -9.82
N ALA C 341 -14.04 32.31 -10.46
CA ALA C 341 -13.77 31.07 -9.73
C ALA C 341 -12.96 30.15 -10.61
N LEU C 342 -12.38 29.14 -9.98
CA LEU C 342 -11.69 28.09 -10.69
C LEU C 342 -12.53 26.82 -10.73
N GLU C 343 -12.21 25.86 -11.64
CA GLU C 343 -12.95 24.61 -11.76
C GLU C 343 -12.42 23.64 -10.67
N VAL C 344 -12.28 24.17 -9.47
CA VAL C 344 -11.94 23.30 -8.30
C VAL C 344 -13.16 22.92 -7.48
N MET C 345 -12.95 22.01 -6.52
CA MET C 345 -14.02 21.56 -5.61
C MET C 345 -15.32 21.25 -6.44
N GLN C 346 -16.46 21.84 -6.04
CA GLN C 346 -17.74 21.55 -6.75
C GLN C 346 -18.06 22.59 -7.83
N ASN C 347 -17.12 23.47 -8.17
CA ASN C 347 -17.47 24.67 -8.90
C ASN C 347 -17.90 24.43 -10.29
N LYS C 348 -17.19 23.53 -10.95
CA LYS C 348 -17.41 23.32 -12.39
C LYS C 348 -18.93 22.98 -12.64
N SER C 349 -19.56 22.28 -11.71
CA SER C 349 -20.97 21.84 -11.82
C SER C 349 -21.96 22.97 -11.93
N VAL C 350 -21.57 24.21 -11.66
CA VAL C 350 -22.55 25.31 -11.70
C VAL C 350 -22.26 26.43 -12.73
N PHE C 351 -21.12 26.33 -13.41
CA PHE C 351 -20.69 27.42 -14.31
C PHE C 351 -21.65 27.65 -15.50
N GLU C 352 -22.10 26.57 -16.13
CA GLU C 352 -23.06 26.75 -17.24
C GLU C 352 -24.39 27.39 -16.78
N ASP C 353 -25.01 26.84 -15.72
CA ASP C 353 -26.32 27.35 -15.25
C ASP C 353 -26.25 28.75 -14.65
N LEU C 354 -25.10 29.17 -14.13
CA LEU C 354 -25.00 30.52 -13.53
C LEU C 354 -24.24 31.51 -14.43
N LYS C 355 -24.10 31.15 -15.69
CA LYS C 355 -23.69 32.13 -16.74
C LYS C 355 -22.23 32.57 -16.63
N PHE C 356 -21.41 31.71 -16.08
CA PHE C 356 -19.95 31.89 -16.07
C PHE C 356 -19.45 31.62 -17.49
N GLY C 357 -18.60 32.49 -18.01
CA GLY C 357 -17.86 32.23 -19.25
C GLY C 357 -16.44 31.77 -18.95
N GLU C 358 -15.95 30.78 -19.69
CA GLU C 358 -14.63 30.21 -19.50
C GLU C 358 -13.60 31.29 -19.83
N GLY C 359 -12.60 31.44 -18.98
CA GLY C 359 -11.49 32.37 -19.24
C GLY C 359 -10.42 31.88 -20.25
N ASP C 360 -9.33 32.62 -20.34
CA ASP C 360 -8.29 32.49 -21.36
C ASP C 360 -7.19 31.50 -21.14
N GLY C 361 -6.90 31.21 -19.92
CA GLY C 361 -5.98 30.09 -19.68
C GLY C 361 -6.26 29.45 -18.32
N SER C 362 -5.22 29.01 -17.66
CA SER C 362 -5.46 28.22 -16.48
C SER C 362 -4.42 28.51 -15.40
N LEU C 363 -4.73 28.08 -14.19
CA LEU C 363 -3.84 28.25 -13.11
C LEU C 363 -3.30 26.87 -12.78
N LYS C 364 -1.99 26.73 -12.69
CA LYS C 364 -1.42 25.39 -12.45
C LYS C 364 -0.97 25.33 -11.01
N TYR C 365 -1.25 24.21 -10.38
CA TYR C 365 -0.84 23.96 -8.97
C TYR C 365 0.45 23.16 -8.97
N TYR C 366 1.41 23.58 -8.13
CA TYR C 366 2.67 22.85 -8.02
C TYR C 366 2.98 22.51 -6.58
N LEU C 367 3.76 21.45 -6.42
CA LEU C 367 4.41 21.13 -5.14
C LEU C 367 5.92 21.07 -5.41
N TYR C 368 6.70 21.49 -4.41
CA TYR C 368 8.18 21.34 -4.40
C TYR C 368 8.61 20.21 -3.52
N ASN C 369 9.54 19.40 -4.02
CA ASN C 369 10.03 18.24 -3.30
C ASN C 369 8.94 17.21 -2.91
N TRP C 370 8.06 16.95 -3.87
CA TRP C 370 6.94 16.01 -3.72
C TRP C 370 6.56 15.38 -5.06
N LYS C 371 6.55 14.06 -5.06
CA LYS C 371 6.28 13.22 -6.21
C LYS C 371 4.95 12.51 -5.94
N CYS C 372 3.97 12.71 -6.81
CA CYS C 372 2.65 11.98 -6.64
C CYS C 372 1.95 12.02 -7.97
N ALA C 373 0.87 11.25 -8.15
CA ALA C 373 0.22 11.33 -9.44
C ALA C 373 -0.50 12.68 -9.53
N SER C 374 -0.53 13.26 -10.75
CA SER C 374 -1.37 14.39 -11.03
C SER C 374 -2.82 13.99 -11.05
N PHE C 375 -3.71 14.98 -10.96
CA PHE C 375 -5.16 14.72 -10.84
C PHE C 375 -6.01 15.87 -11.43
N ALA C 376 -7.28 15.57 -11.71
CA ALA C 376 -8.22 16.51 -12.28
C ALA C 376 -8.50 17.55 -11.21
N PRO C 377 -8.83 18.77 -11.62
CA PRO C 377 -9.07 19.82 -10.64
C PRO C 377 -10.31 19.70 -9.74
N ALA C 378 -11.25 18.80 -10.02
CA ALA C 378 -12.36 18.62 -9.12
C ALA C 378 -11.81 17.98 -7.84
N HIS C 379 -10.58 17.46 -7.87
CA HIS C 379 -10.02 16.82 -6.66
C HIS C 379 -9.12 17.81 -5.87
N VAL C 380 -9.03 19.06 -6.34
CA VAL C 380 -8.24 20.15 -5.66
C VAL C 380 -9.17 20.84 -4.69
N GLY C 381 -8.81 20.85 -3.41
CA GLY C 381 -9.60 21.44 -2.32
C GLY C 381 -8.88 22.63 -1.68
N ILE C 382 -8.12 23.39 -2.48
CA ILE C 382 -7.32 24.50 -1.92
C ILE C 382 -7.31 25.63 -2.92
N VAL C 383 -7.52 26.85 -2.41
CA VAL C 383 -7.46 28.06 -3.21
C VAL C 383 -6.42 29.01 -2.59
N LEU C 384 -5.44 29.37 -3.39
CA LEU C 384 -4.34 30.22 -2.95
C LEU C 384 -4.57 31.63 -3.53
N LEU C 385 -4.03 32.66 -2.88
CA LEU C 385 -4.47 34.03 -3.21
C LEU C 385 -3.74 34.54 -4.42
S DMS D . 6.58 -10.22 -20.34
O DMS D . 7.22 -9.99 -19.01
C1 DMS D . 5.28 -9.10 -20.30
C2 DMS D . 5.88 -11.84 -20.56
S1 NHW E . 11.40 -24.01 -18.44
C2 NHW E . 11.04 -25.38 -19.67
C3 NHW E . 12.31 -25.94 -20.32
N4 NHW E . 12.00 -26.79 -21.45
C5 NHW E . 11.60 -28.05 -21.26
O5 NHW E . 11.43 -28.53 -20.12
C6 NHW E . 11.26 -28.91 -22.52
C7 NHW E . 11.46 -30.44 -22.17
N8 NHW E . 12.91 -30.65 -21.93
C9 NHW E . 13.87 -30.37 -22.84
O9 NHW E . 13.74 -29.90 -23.98
CP NHW E . 11.16 -22.52 -19.50
C10 NHW E . 15.29 -30.69 -22.30
O10 NHW E . 15.18 -31.61 -21.19
C11 NHW E . 16.07 -29.40 -21.92
C12 NHW E . 17.38 -29.87 -21.26
C13 NHW E . 15.34 -28.45 -21.00
C14 NHW E . 16.38 -28.56 -23.20
N1A NHW E . 16.64 -24.54 -17.53
O1A NHW E . 22.31 -32.68 -21.28
P1A NHW E . 21.45 -31.48 -21.41
C1M NHW E . 12.52 -22.16 -20.15
O1M NHW E . 12.63 -22.37 -21.35
C1X NHW E . 20.60 -27.88 -17.50
C2A NHW E . 17.97 -24.31 -17.44
O2A NHW E . 21.42 -30.93 -22.87
P2A NHW E . 18.70 -32.08 -21.73
C2M NHW E . 13.70 -21.51 -19.33
C2X NHW E . 20.88 -29.02 -16.48
O2X NHW E . 20.75 -28.50 -15.18
N3A NHW E . 18.85 -25.34 -17.44
O3A NHW E . 19.98 -31.65 -20.91
C3M NHW E . 15.09 -22.04 -19.86
C3X NHW E . 22.32 -29.38 -16.81
O3X NHW E . 23.31 -28.46 -16.32
P3X NHW E . 24.11 -28.98 -14.90
C4A NHW E . 18.43 -26.59 -17.54
O4A NHW E . 19.02 -32.92 -22.90
C4M NHW E . 16.16 -21.18 -19.15
C4X NHW E . 22.30 -29.24 -18.37
O4X NHW E . 21.10 -28.53 -18.70
C5A NHW E . 17.07 -26.86 -17.68
O5A NHW E . 17.80 -32.65 -20.79
C5M NHW E . 17.59 -21.46 -19.69
C5X NHW E . 22.00 -30.51 -19.05
O5X NHW E . 21.85 -30.28 -20.51
C6A NHW E . 16.17 -25.78 -17.63
N6A NHW E . 14.81 -25.93 -17.70
O6A NHW E . 18.14 -30.69 -22.17
C6M NHW E . 18.71 -20.69 -18.93
N7A NHW E . 16.95 -28.22 -17.77
O7A NHW E . 24.86 -27.68 -14.35
C7M NHW E . 18.73 -19.17 -19.26
C8A NHW E . 18.19 -28.74 -17.71
O8A NHW E . 22.88 -29.31 -14.06
C8M NHW E . 19.91 -18.49 -18.50
N9A NHW E . 19.12 -27.76 -17.59
O9A NHW E . 25.03 -30.08 -15.28
C9M NHW E . 19.94 -17.02 -18.83
CAM NHW E . 20.53 -16.91 -20.24
CBM NHW E . 20.77 -15.50 -20.86
CCM NHW E . 21.73 -14.59 -19.97
CDM NHW E . 21.73 -13.15 -20.50
CEM NHW E . 22.65 -12.21 -19.72
CAA 646 F . -2.35 -30.55 -17.55
CAB 646 F . 2.93 -30.57 -16.81
CAC 646 F . 2.29 -30.34 -19.71
OAD 646 F . -1.53 -28.60 -15.31
OAE 646 F . -1.10 -29.91 -13.20
CLF 646 F . 2.09 -30.59 -13.14
CLG 646 F . -0.40 -26.17 -15.46
CAH 646 F . 7.02 -26.63 -14.49
CAI 646 F . 5.74 -27.05 -14.09
CAJ 646 F . 3.23 -28.28 -13.94
CAK 646 F . 2.16 -26.41 -14.93
CAL 646 F . 4.80 -25.47 -15.65
CAM 646 F . 7.94 -22.58 -18.38
CAN 646 F . 5.57 -22.52 -18.68
CAO 646 F . 7.73 -23.84 -17.50
CAP 646 F . 5.19 -23.25 -17.40
NAQ 646 F . 7.16 -25.68 -15.43
NAR 646 F . -0.19 -30.42 -18.97
NAS 646 F . 6.76 -21.69 -18.42
NAT 646 F . -0.18 -30.70 -15.27
CAU 646 F . -0.89 -30.55 -17.78
CAV 646 F . 1.50 -30.52 -17.29
CAW 646 F . 2.02 -28.97 -13.88
CAX 646 F . 0.96 -27.13 -14.87
CAY 646 F . 4.61 -26.40 -14.59
CAZ 646 F . 3.30 -26.97 -14.38
CBA 646 F . 6.10 -25.07 -16.03
CBB 646 F . 0.13 -30.60 -16.70
CBC 646 F . 0.83 -28.43 -14.34
NBD 646 F . 6.33 -24.06 -17.00
NBE 646 F . 1.23 -30.55 -18.71
SBF 646 F . -0.59 -29.34 -14.46
S SO4 G . 0.02 -24.07 2.45
O1 SO4 G . 0.61 -22.71 2.49
O2 SO4 G . -1.44 -23.93 2.35
O3 SO4 G . 0.40 -24.91 3.60
O4 SO4 G . 0.33 -24.78 1.22
MG MG H . 21.14 -32.78 -25.01
CL CL I . 32.61 -22.45 -23.13
S DMS J . -0.07 -5.26 22.32
O DMS J . -0.33 -5.31 20.83
C1 DMS J . 0.00 -6.76 23.22
C2 DMS J . 1.54 -4.62 22.37
S1 NHW K . -9.63 -16.32 22.80
C2 NHW K . -9.70 -17.37 24.32
C3 NHW K . -11.11 -17.33 24.91
N4 NHW K . -11.06 -18.08 26.16
C5 NHW K . -11.16 -19.42 26.19
O5 NHW K . -11.37 -20.12 25.21
C6 NHW K . -11.08 -20.12 27.59
C7 NHW K . -11.93 -21.42 27.65
N8 NHW K . -13.36 -21.14 27.30
C9 NHW K . -14.10 -20.41 28.13
O9 NHW K . -13.67 -19.95 29.21
CP NHW K . -8.78 -14.82 23.42
C10 NHW K . -15.56 -20.24 27.71
O10 NHW K . -15.93 -21.32 26.74
C11 NHW K . -15.80 -18.83 27.10
C12 NHW K . -17.18 -18.78 26.39
C13 NHW K . -14.77 -18.53 26.01
C14 NHW K . -15.76 -17.75 28.25
N1A NHW K . -14.62 -14.94 21.85
O1A NHW K . -22.88 -19.55 26.73
P1A NHW K . -21.61 -18.83 26.79
C1M NHW K . -9.82 -13.88 24.12
O1M NHW K . -9.97 -13.90 25.34
C1X NHW K . -19.58 -16.74 22.12
C2A NHW K . -15.79 -14.27 21.66
O2A NHW K . -21.29 -18.06 27.97
P2A NHW K . -19.26 -20.42 27.11
C2M NHW K . -10.61 -12.88 23.27
C2X NHW K . -20.34 -17.86 21.41
O2X NHW K . -20.15 -17.64 19.97
N3A NHW K . -16.98 -14.86 21.71
O3A NHW K . -20.42 -19.85 26.35
C3M NHW K . -12.13 -12.84 23.70
C3X NHW K . -21.79 -17.51 21.85
O3X NHW K . -22.33 -16.39 21.10
P3X NHW K . -23.26 -16.79 19.82
C4A NHW K . -17.07 -16.12 22.12
O4A NHW K . -19.63 -20.80 28.50
C4M NHW K . -12.81 -11.66 23.02
C4X NHW K . -21.59 -17.00 23.27
O4X NHW K . -20.14 -16.76 23.39
C5A NHW K . -15.87 -16.81 22.35
O5A NHW K . -18.47 -21.38 26.36
C5M NHW K . -14.28 -11.47 23.45
C5X NHW K . -21.75 -18.21 24.27
O5X NHW K . -21.57 -17.80 25.59
C6A NHW K . -14.63 -16.20 22.23
N6A NHW K . -13.45 -16.86 22.44
O6A NHW K . -18.31 -19.14 27.28
C6M NHW K . -15.04 -10.51 22.46
N7A NHW K . -16.22 -18.05 22.66
O7A NHW K . -23.48 -15.49 19.00
C7M NHW K . -14.66 -9.02 22.65
C8A NHW K . -17.54 -18.16 22.61
O8A NHW K . -22.43 -17.81 18.91
C8M NHW K . -15.33 -8.07 21.59
N9A NHW K . -18.10 -17.00 22.28
O9A NHW K . -24.51 -17.33 20.40
C9M NHW K . -14.90 -6.57 21.69
CAM NHW K . -15.28 -6.03 23.07
CBM NHW K . -15.12 -4.57 23.34
CCM NHW K . -15.52 -3.55 22.23
CDM NHW K . -15.19 -2.06 22.72
CEM NHW K . -15.40 -0.99 21.60
CAA 646 L . 0.73 -27.39 23.55
CAB 646 L . -4.27 -25.76 22.38
CAC 646 L . -3.37 -25.02 25.33
OAD 646 L . 0.75 -25.79 20.76
OAE 646 L . -0.34 -27.17 19.00
CLF 646 L . -3.42 -26.71 18.81
CLG 646 L . 0.57 -23.10 20.56
CAH 646 L . -5.98 -20.27 18.64
CAI 646 L . -5.18 -21.41 18.50
CAJ 646 L . -3.70 -24.02 19.20
CAK 646 L . -1.98 -22.55 19.97
CAL 646 L . -4.05 -20.67 20.53
CAM 646 L . -5.90 -16.55 22.25
CAN 646 L . -3.44 -16.77 22.73
CAO 646 L . -5.90 -18.08 22.40
CAP 646 L . -3.41 -18.05 21.90
NAQ 646 L . -5.85 -19.37 19.67
NAR 646 L . -1.31 -26.28 24.68
NAS 646 L . -4.61 -15.89 22.54
NAT 646 L . -1.32 -27.18 21.18
CAU 646 L . -0.68 -26.81 23.61
CAV 646 L . -2.91 -26.09 22.96
CAW 646 L . -2.79 -25.08 19.31
CAX 646 L . -1.09 -23.61 20.08
CAY 646 L . -4.17 -21.58 19.45
CAZ 646 L . -3.26 -22.75 19.49
CBA 646 L . -4.90 -19.55 20.63
CBB 646 L . -1.64 -26.71 22.50
CBC 646 L . -1.48 -24.93 19.78
NBD 646 L . -4.76 -18.58 21.64
NBE 646 L . -2.66 -25.96 24.38
SBF 646 L . -0.51 -26.25 20.11
MG MG M . -21.63 -19.65 30.44
CL CL N . -28.56 -6.24 26.51
S DMS O . -3.89 29.43 2.68
O DMS O . -3.97 27.99 2.23
C1 DMS O . -3.96 30.73 1.48
C2 DMS O . -5.27 29.64 3.67
S1 NHW P . 2.72 33.11 -9.80
C2 NHW P . 3.10 34.89 -10.17
C3 NHW P . 4.61 35.19 -10.36
N4 NHW P . 4.82 36.63 -10.48
C5 NHW P . 4.68 37.18 -11.66
O5 NHW P . 4.27 36.54 -12.67
C6 NHW P . 4.97 38.69 -11.67
C7 NHW P . 5.41 39.18 -13.07
N8 NHW P . 6.69 38.46 -13.42
C9 NHW P . 7.82 38.69 -12.77
O9 NHW P . 7.95 39.50 -11.86
CP NHW P . 2.51 33.09 -7.97
C10 NHW P . 9.01 37.81 -13.24
O10 NHW P . 8.71 37.49 -14.60
C11 NHW P . 9.33 36.53 -12.37
C12 NHW P . 10.37 35.72 -13.12
C13 NHW P . 8.13 35.63 -12.10
C14 NHW P . 9.87 36.95 -11.00
N1A NHW P . 7.18 30.58 -10.65
O1A NHW P . 15.48 35.17 -15.64
P1A NHW P . 14.51 35.21 -14.52
C1M NHW P . 3.91 33.07 -7.33
O1M NHW P . 4.35 34.11 -6.81
C1X NHW P . 11.42 30.64 -13.61
C2A NHW P . 8.28 29.80 -10.59
O2A NHW P . 14.75 36.06 -13.31
P2A NHW P . 12.04 36.77 -14.82
C2M NHW P . 4.63 31.69 -7.26
C2X NHW P . 11.56 30.32 -15.05
O2X NHW P . 10.90 29.08 -15.43
N3A NHW P . 9.31 29.94 -11.44
O3A NHW P . 12.97 35.45 -15.08
C3M NHW P . 6.16 31.69 -7.09
C3X NHW P . 13.12 30.27 -15.20
O3X NHW P . 13.71 29.10 -14.79
P3X NHW P . 14.03 27.86 -15.89
C4A NHW P . 9.25 30.89 -12.39
O4A NHW P . 12.96 37.90 -14.85
C4M NHW P . 6.69 30.28 -6.99
C4X NHW P . 13.60 31.35 -14.18
O4X NHW P . 12.41 31.69 -13.49
C5A NHW P . 8.09 31.71 -12.51
O5A NHW P . 10.94 36.71 -15.81
C5M NHW P . 8.25 30.29 -7.04
C5X NHW P . 13.98 32.66 -14.95
O5X NHW P . 14.33 33.76 -14.01
C6A NHW P . 7.07 31.54 -11.59
N6A NHW P . 5.94 32.25 -11.63
O6A NHW P . 11.58 36.50 -13.37
C6M NHW P . 8.85 28.92 -6.89
N7A NHW P . 8.31 32.57 -13.55
O7A NHW P . 14.44 26.61 -14.93
C7M NHW P . 8.76 28.54 -5.36
C8A NHW P . 9.52 32.28 -14.03
O8A NHW P . 12.69 27.61 -16.56
C8M NHW P . 9.36 27.18 -5.27
N9A NHW P . 10.10 31.30 -13.33
O9A NHW P . 15.18 28.40 -16.72
C9M NHW P . 9.26 26.66 -3.80
CAM NHW P . 10.31 27.40 -2.92
CBM NHW P . 10.23 26.97 -1.41
CCM NHW P . 10.61 25.48 -1.31
CDM NHW P . 10.70 25.14 0.26
CEM NHW P . 10.86 23.65 0.51
CAA 646 Q . -8.79 41.03 -15.08
CAB 646 Q . -4.38 38.12 -16.04
CAC 646 Q . -3.91 40.53 -14.17
OAD 646 Q . -9.69 37.67 -15.41
OAE 646 Q . -9.32 36.26 -17.35
CLF 646 Q . -6.55 36.00 -17.92
CLG 646 Q . -8.92 36.31 -13.04
CAH 646 Q . -1.74 33.84 -13.95
CAI 646 Q . -2.98 34.20 -14.49
CAJ 646 Q . -5.44 35.06 -15.61
CAK 646 Q . -6.48 35.19 -13.45
CAL 646 Q . -3.98 34.06 -12.32
CAM 646 Q . -1.10 33.48 -8.49
CAN 646 Q . -3.24 34.76 -8.61
CAO 646 Q . -1.36 32.95 -9.89
CAP 646 Q . -3.82 33.77 -9.60
NAQ 646 Q . -1.63 33.61 -12.63
NAR 646 Q . -6.35 40.98 -14.52
NAS 646 Q . -2.35 33.90 -7.79
NAT 646 Q . -7.80 38.24 -16.79
CAU 646 Q . -7.43 40.40 -15.19
CAV 646 Q . -5.53 39.01 -15.64
CAW 646 Q . -6.52 35.70 -16.16
CAX 646 Q . -7.56 35.84 -14.06
CAY 646 Q . -4.17 34.22 -13.70
CAZ 646 Q . -5.43 34.74 -14.25
CBA 646 Q . -2.72 33.70 -11.81
CBB 646 Q . -6.98 39.14 -15.92
CBC 646 Q . -7.60 36.11 -15.43
NBD 646 Q . -2.63 33.46 -10.44
NBE 646 Q . -5.19 40.23 -14.88
SBF 646 Q . -8.72 36.99 -16.25
MG MG R . 15.65 38.74 -13.80
CL CL S . 23.31 27.53 -6.12
#